data_3RGG
#
_entry.id   3RGG
#
_cell.length_a   84.390
_cell.length_b   155.130
_cell.length_c   88.140
_cell.angle_alpha   90.00
_cell.angle_beta   90.00
_cell.angle_gamma   90.00
#
_symmetry.space_group_name_H-M   'C 2 2 21'
#
loop_
_entity.id
_entity.type
_entity.pdbx_description
1 polymer 'Phosphoribosylaminoimidazole carboxylase, PurE protein'
2 non-polymer '5-AMINOIMIDAZOLE RIBONUCLEOTIDE'
3 water water
#
_entity_poly.entity_id   1
_entity_poly.type   'polypeptide(L)'
_entity_poly.pdbx_seq_one_letter_code
;(CXM)RPLVIILMGSSSDMGHAEKIASELKTFGIEYAIRIGSAHKTAEHVVSMLKEYEALDRPKLYITIAGRSNALSGFV
DGFVKGATIACPPPSDSFAGADIYSSLRMPSGISPALVLEPKNAALLAARIFSLYDKEIADSVKSYMESNAQKIIEDDSK
LKR
;
_entity_poly.pdbx_strand_id   A,B,C,D
#
loop_
_chem_comp.id
_chem_comp.type
_chem_comp.name
_chem_comp.formula
AIR non-polymer '5-AMINOIMIDAZOLE RIBONUCLEOTIDE' 'C8 H14 N3 O7 P'
#
# COMPACT_ATOMS: atom_id res chain seq x y z
N ARG A 2 27.47 -24.53 -22.92
CA ARG A 2 27.41 -23.36 -23.83
C ARG A 2 26.05 -22.62 -23.87
N PRO A 3 25.12 -22.94 -22.94
CA PRO A 3 24.06 -21.95 -22.72
C PRO A 3 24.66 -20.64 -22.17
N LEU A 4 24.03 -19.51 -22.47
CA LEU A 4 24.44 -18.21 -21.96
C LEU A 4 23.20 -17.51 -21.52
N VAL A 5 23.24 -16.97 -20.32
CA VAL A 5 22.17 -16.10 -19.88
C VAL A 5 22.73 -14.70 -19.74
N ILE A 6 22.14 -13.73 -20.45
CA ILE A 6 22.62 -12.35 -20.41
C ILE A 6 21.73 -11.60 -19.42
N ILE A 7 22.29 -11.18 -18.29
CA ILE A 7 21.53 -10.42 -17.29
C ILE A 7 21.75 -8.94 -17.60
N LEU A 8 20.72 -8.29 -18.11
CA LEU A 8 20.82 -6.88 -18.49
C LEU A 8 19.94 -6.06 -17.59
N MET A 9 20.57 -5.14 -16.88
CA MET A 9 19.86 -4.20 -15.99
C MET A 9 19.87 -2.75 -16.48
N GLY A 10 18.88 -2.00 -16.05
CA GLY A 10 18.74 -0.59 -16.41
C GLY A 10 19.67 0.43 -15.74
N SER A 11 20.13 0.12 -14.53
CA SER A 11 20.94 1.02 -13.75
C SER A 11 21.88 0.20 -12.82
N SER A 12 23.05 0.75 -12.55
CA SER A 12 23.92 0.16 -11.53
C SER A 12 23.22 -0.02 -10.17
N SER A 13 22.19 0.76 -9.89
CA SER A 13 21.48 0.62 -8.61
C SER A 13 20.71 -0.74 -8.52
N ASP A 14 20.47 -1.37 -9.68
CA ASP A 14 19.90 -2.75 -9.76
C ASP A 14 20.88 -3.92 -9.48
N MET A 15 22.16 -3.62 -9.21
CA MET A 15 23.20 -4.65 -9.22
C MET A 15 22.99 -5.72 -8.15
N GLY A 16 22.52 -5.32 -6.97
CA GLY A 16 22.23 -6.28 -5.87
C GLY A 16 21.21 -7.34 -6.29
N HIS A 17 20.18 -6.92 -7.03
CA HIS A 17 19.15 -7.86 -7.53
C HIS A 17 19.76 -8.79 -8.63
N ALA A 18 20.49 -8.20 -9.58
CA ALA A 18 21.18 -8.96 -10.64
C ALA A 18 22.15 -10.02 -10.06
N GLU A 19 22.89 -9.67 -9.01
CA GLU A 19 23.85 -10.60 -8.39
C GLU A 19 23.15 -11.81 -7.78
N LYS A 20 21.95 -11.61 -7.23
CA LYS A 20 21.20 -12.76 -6.69
C LYS A 20 20.82 -13.74 -7.82
N ILE A 21 20.42 -13.21 -8.98
CA ILE A 21 20.12 -14.04 -10.15
C ILE A 21 21.38 -14.74 -10.62
N ALA A 22 22.49 -14.01 -10.76
CA ALA A 22 23.73 -14.62 -11.28
C ALA A 22 24.25 -15.74 -10.39
N SER A 23 24.22 -15.48 -9.09
CA SER A 23 24.61 -16.47 -8.08
C SER A 23 23.85 -17.76 -8.22
N GLU A 24 22.55 -17.65 -8.41
CA GLU A 24 21.73 -18.82 -8.52
C GLU A 24 22.01 -19.54 -9.84
N LEU A 25 22.17 -18.79 -10.93
CA LEU A 25 22.55 -19.40 -12.21
C LEU A 25 23.82 -20.22 -12.08
N LYS A 26 24.76 -19.69 -11.31
CA LYS A 26 26.05 -20.35 -11.10
C LYS A 26 25.88 -21.68 -10.40
N THR A 27 24.91 -21.78 -9.48
CA THR A 27 24.61 -23.08 -8.84
C THR A 27 24.09 -24.16 -9.81
N PHE A 28 23.55 -23.75 -10.96
CA PHE A 28 23.09 -24.70 -12.00
C PHE A 28 24.09 -24.93 -13.11
N GLY A 29 25.29 -24.36 -12.96
CA GLY A 29 26.34 -24.53 -13.96
C GLY A 29 26.07 -23.75 -15.24
N ILE A 30 25.34 -22.63 -15.12
CA ILE A 30 24.98 -21.81 -16.30
C ILE A 30 25.80 -20.53 -16.34
N GLU A 31 26.46 -20.33 -17.48
CA GLU A 31 27.28 -19.14 -17.72
C GLU A 31 26.38 -17.92 -17.89
N TYR A 32 26.79 -16.79 -17.30
CA TYR A 32 26.03 -15.54 -17.43
C TYR A 32 26.96 -14.40 -17.75
N ALA A 33 26.41 -13.36 -18.36
CA ALA A 33 27.11 -12.07 -18.43
C ALA A 33 26.21 -11.04 -17.76
N ILE A 34 26.81 -10.07 -17.07
CA ILE A 34 26.11 -8.97 -16.45
C ILE A 34 26.43 -7.67 -17.16
N ARG A 35 25.40 -6.93 -17.52
CA ARG A 35 25.49 -5.73 -18.35
C ARG A 35 24.50 -4.68 -17.85
N ILE A 36 24.83 -3.41 -18.11
CA ILE A 36 24.02 -2.25 -17.77
C ILE A 36 23.68 -1.42 -19.02
N GLY A 37 22.41 -1.07 -19.16
CA GLY A 37 21.96 -0.17 -20.21
C GLY A 37 20.48 0.11 -20.00
N SER A 38 20.08 1.35 -20.28
CA SER A 38 18.75 1.84 -20.03
C SER A 38 18.06 1.98 -21.37
N ALA A 39 16.81 1.52 -21.44
CA ALA A 39 15.95 1.75 -22.60
C ALA A 39 15.51 3.21 -22.74
N HIS A 40 15.49 3.97 -21.65
CA HIS A 40 15.16 5.39 -21.77
C HIS A 40 16.38 6.26 -22.17
N LYS A 41 17.51 6.09 -21.48
CA LYS A 41 18.63 7.06 -21.57
C LYS A 41 19.73 6.64 -22.54
N THR A 42 19.80 5.35 -22.85
CA THR A 42 20.90 4.80 -23.66
C THR A 42 20.42 3.71 -24.66
N ALA A 43 19.42 4.07 -25.44
CA ALA A 43 18.75 3.11 -26.33
C ALA A 43 19.69 2.55 -27.40
N GLU A 44 20.52 3.41 -28.01
CA GLU A 44 21.43 2.94 -29.06
C GLU A 44 22.52 2.04 -28.50
N HIS A 45 23.00 2.36 -27.31
CA HIS A 45 23.93 1.48 -26.58
C HIS A 45 23.31 0.10 -26.34
N VAL A 46 22.02 0.03 -26.00
CA VAL A 46 21.40 -1.27 -25.77
C VAL A 46 21.31 -2.06 -27.08
N VAL A 47 20.84 -1.40 -28.14
CA VAL A 47 20.71 -2.01 -29.46
C VAL A 47 22.04 -2.64 -29.92
N SER A 48 23.12 -1.88 -29.86
CA SER A 48 24.42 -2.39 -30.34
C SER A 48 24.89 -3.55 -29.47
N MET A 49 24.63 -3.48 -28.16
CA MET A 49 24.94 -4.59 -27.25
C MET A 49 24.19 -5.88 -27.64
N LEU A 50 22.89 -5.75 -27.85
CA LEU A 50 22.05 -6.88 -28.21
C LEU A 50 22.43 -7.50 -29.56
N LYS A 51 22.84 -6.68 -30.52
CA LYS A 51 23.40 -7.18 -31.80
C LYS A 51 24.61 -8.13 -31.62
N GLU A 52 25.50 -7.79 -30.68
CA GLU A 52 26.70 -8.60 -30.40
C GLU A 52 26.30 -9.97 -29.85
N TYR A 53 25.42 -10.01 -28.86
CA TYR A 53 24.99 -11.29 -28.28
C TYR A 53 24.15 -12.13 -29.24
N GLU A 54 23.24 -11.50 -29.96
CA GLU A 54 22.41 -12.20 -30.94
C GLU A 54 23.26 -12.89 -32.00
N ALA A 55 24.38 -12.28 -32.37
CA ALA A 55 25.27 -12.88 -33.37
C ALA A 55 26.03 -14.12 -32.88
N LEU A 56 25.90 -14.47 -31.61
CA LEU A 56 26.53 -15.69 -31.07
C LEU A 56 25.68 -16.93 -31.34
N ASP A 57 26.29 -17.91 -31.99
CA ASP A 57 25.63 -19.13 -32.42
C ASP A 57 25.62 -20.11 -31.24
N ARG A 58 24.67 -19.92 -30.33
CA ARG A 58 24.59 -20.69 -29.09
C ARG A 58 23.27 -20.39 -28.35
N PRO A 59 22.77 -21.35 -27.57
CA PRO A 59 21.45 -21.16 -26.95
C PRO A 59 21.53 -20.14 -25.80
N LYS A 60 20.71 -19.09 -25.90
CA LYS A 60 20.74 -17.97 -24.95
C LYS A 60 19.38 -17.45 -24.52
N LEU A 61 19.39 -16.85 -23.33
CA LEU A 61 18.25 -16.20 -22.73
C LEU A 61 18.71 -14.83 -22.20
N TYR A 62 17.81 -13.87 -22.13
CA TYR A 62 18.13 -12.59 -21.55
C TYR A 62 17.24 -12.48 -20.33
N ILE A 63 17.80 -12.05 -19.20
CA ILE A 63 17.02 -11.70 -18.03
C ILE A 63 17.13 -10.20 -17.81
N THR A 64 16.00 -9.51 -17.91
CA THR A 64 15.96 -8.06 -17.96
C THR A 64 15.34 -7.50 -16.66
N ILE A 65 16.09 -6.57 -16.08
CA ILE A 65 15.86 -5.98 -14.77
C ILE A 65 15.77 -4.47 -14.93
N ALA A 66 14.61 -3.91 -14.69
CA ALA A 66 14.50 -2.45 -14.62
C ALA A 66 13.43 -2.14 -13.61
N GLY A 67 13.79 -1.22 -12.71
CA GLY A 67 12.82 -0.77 -11.72
C GLY A 67 11.90 0.30 -12.29
N ARG A 68 10.95 0.77 -11.49
CA ARG A 68 10.03 1.82 -11.93
C ARG A 68 9.31 1.36 -13.18
N SER A 69 9.05 2.26 -14.13
CA SER A 69 8.36 1.84 -15.35
C SER A 69 9.34 1.04 -16.21
N ASN A 70 9.08 -0.26 -16.33
CA ASN A 70 9.97 -1.19 -17.02
C ASN A 70 9.73 -1.14 -18.53
N ALA A 71 10.49 -0.30 -19.19
CA ALA A 71 10.53 -0.23 -20.65
C ALA A 71 11.52 -1.28 -21.22
N LEU A 72 12.49 -1.68 -20.38
CA LEU A 72 13.61 -2.49 -20.79
C LEU A 72 13.18 -3.87 -21.24
N SER A 73 12.37 -4.59 -20.46
CA SER A 73 12.06 -5.98 -20.85
C SER A 73 11.36 -6.07 -22.20
N GLY A 74 10.39 -5.20 -22.48
CA GLY A 74 9.71 -5.22 -23.75
C GLY A 74 10.64 -4.82 -24.86
N PHE A 75 11.47 -3.82 -24.62
CA PHE A 75 12.44 -3.36 -25.60
C PHE A 75 13.41 -4.46 -26.03
N VAL A 76 14.01 -5.12 -25.04
CA VAL A 76 14.88 -6.27 -25.30
C VAL A 76 14.12 -7.40 -26.01
N ASP A 77 12.93 -7.70 -25.51
CA ASP A 77 12.16 -8.84 -26.01
C ASP A 77 11.75 -8.66 -27.46
N GLY A 78 11.46 -7.44 -27.85
CA GLY A 78 11.01 -7.17 -29.21
C GLY A 78 12.15 -7.17 -30.19
N PHE A 79 13.36 -7.00 -29.66
CA PHE A 79 14.53 -6.95 -30.48
C PHE A 79 15.18 -8.29 -30.74
N VAL A 80 15.30 -9.13 -29.70
CA VAL A 80 15.98 -10.42 -29.83
C VAL A 80 15.05 -11.51 -30.30
N LYS A 81 15.61 -12.62 -30.78
CA LYS A 81 14.83 -13.72 -31.38
C LYS A 81 14.24 -14.73 -30.40
N GLY A 82 15.08 -15.24 -29.49
CA GLY A 82 14.70 -16.28 -28.55
C GLY A 82 13.99 -15.71 -27.31
N ALA A 83 13.67 -16.59 -26.34
CA ALA A 83 12.94 -16.18 -25.16
C ALA A 83 13.70 -15.22 -24.27
N THR A 84 12.94 -14.42 -23.52
CA THR A 84 13.44 -13.54 -22.48
C THR A 84 12.62 -13.69 -21.21
N ILE A 85 13.25 -13.26 -20.10
CA ILE A 85 12.65 -13.27 -18.77
C ILE A 85 12.76 -11.88 -18.13
N ALA A 86 11.63 -11.32 -17.65
CA ALA A 86 11.62 -10.07 -16.90
C ALA A 86 11.63 -10.40 -15.43
N CYS A 87 12.59 -9.83 -14.70
CA CYS A 87 12.61 -9.96 -13.25
C CYS A 87 12.93 -8.59 -12.65
N PRO A 88 11.91 -7.75 -12.44
CA PRO A 88 12.16 -6.42 -11.94
C PRO A 88 12.55 -6.46 -10.48
N PRO A 89 13.29 -5.44 -10.01
CA PRO A 89 13.59 -5.34 -8.60
C PRO A 89 12.30 -5.02 -7.78
N PRO A 90 12.31 -5.39 -6.48
CA PRO A 90 11.09 -5.22 -5.67
C PRO A 90 10.90 -3.74 -5.34
N SER A 91 9.64 -3.31 -5.17
CA SER A 91 9.34 -1.93 -4.82
C SER A 91 8.02 -1.88 -4.09
N ASP A 92 7.91 -1.01 -3.11
CA ASP A 92 6.62 -0.71 -2.47
C ASP A 92 5.97 0.60 -2.93
N SER A 93 6.57 1.28 -3.88
CA SER A 93 6.02 2.53 -4.41
C SER A 93 4.62 2.24 -4.99
N PHE A 94 3.64 3.04 -4.63
CA PHE A 94 2.27 2.87 -5.12
C PHE A 94 1.75 1.44 -4.91
N ALA A 95 1.97 0.91 -3.71
CA ALA A 95 1.44 -0.44 -3.43
C ALA A 95 2.05 -1.48 -4.41
N GLY A 96 3.28 -1.25 -4.87
CA GLY A 96 3.93 -2.16 -5.78
C GLY A 96 3.43 -2.07 -7.23
N ALA A 97 2.75 -0.98 -7.59
CA ALA A 97 2.15 -0.83 -8.94
C ALA A 97 3.13 -0.75 -10.12
N ASP A 98 4.44 -0.68 -9.86
CA ASP A 98 5.41 -0.84 -10.90
C ASP A 98 5.29 -2.15 -11.61
N ILE A 99 4.74 -3.16 -10.93
CA ILE A 99 4.61 -4.46 -11.53
C ILE A 99 3.83 -4.43 -12.84
N TYR A 100 2.82 -3.57 -12.91
CA TYR A 100 1.98 -3.51 -14.14
C TYR A 100 2.78 -3.19 -15.38
N SER A 101 3.84 -2.38 -15.26
CA SER A 101 4.70 -2.05 -16.39
C SER A 101 5.43 -3.25 -16.96
N SER A 102 5.59 -4.32 -16.16
CA SER A 102 6.19 -5.58 -16.66
C SER A 102 5.16 -6.55 -17.23
N LEU A 103 3.93 -6.47 -16.75
CA LEU A 103 2.85 -7.38 -17.11
C LEU A 103 2.22 -7.00 -18.48
N ARG A 104 2.01 -5.70 -18.69
CA ARG A 104 1.08 -5.19 -19.72
C ARG A 104 1.79 -4.93 -21.07
N MET A 105 1.99 -6.04 -21.79
CA MET A 105 2.73 -6.03 -23.06
C MET A 105 1.79 -5.93 -24.26
N PRO A 106 2.28 -5.41 -25.41
CA PRO A 106 1.50 -5.43 -26.59
C PRO A 106 1.50 -6.84 -27.22
N SER A 107 0.74 -6.99 -28.28
CA SER A 107 0.79 -8.18 -29.12
C SER A 107 2.21 -8.38 -29.61
N GLY A 108 2.65 -9.64 -29.63
CA GLY A 108 3.96 -9.99 -30.14
C GLY A 108 5.18 -9.80 -29.25
N ILE A 109 4.96 -9.48 -27.97
CA ILE A 109 6.07 -9.25 -27.04
C ILE A 109 5.76 -10.17 -25.85
N SER A 110 6.66 -11.10 -25.55
CA SER A 110 6.35 -12.23 -24.66
C SER A 110 7.43 -12.55 -23.60
N PRO A 111 7.97 -11.51 -22.94
CA PRO A 111 8.83 -11.79 -21.81
C PRO A 111 8.14 -12.59 -20.74
N ALA A 112 8.82 -13.60 -20.20
CA ALA A 112 8.34 -14.34 -19.03
C ALA A 112 8.49 -13.53 -17.74
N LEU A 113 7.40 -13.23 -17.02
CA LEU A 113 7.53 -12.44 -15.79
C LEU A 113 7.64 -13.37 -14.60
N VAL A 114 8.69 -13.18 -13.79
CA VAL A 114 8.86 -13.89 -12.53
C VAL A 114 9.37 -12.88 -11.53
N LEU A 115 8.82 -12.89 -10.32
CA LEU A 115 9.20 -11.92 -9.31
C LEU A 115 10.53 -12.18 -8.60
N GLU A 116 10.72 -13.39 -8.07
CA GLU A 116 11.81 -13.63 -7.17
C GLU A 116 13.08 -13.92 -7.99
N PRO A 117 14.23 -13.28 -7.69
CA PRO A 117 15.48 -13.50 -8.46
C PRO A 117 15.92 -14.97 -8.58
N LYS A 118 15.82 -15.72 -7.48
CA LYS A 118 16.19 -17.13 -7.52
C LYS A 118 15.24 -17.94 -8.41
N ASN A 119 13.96 -17.58 -8.44
CA ASN A 119 12.99 -18.21 -9.34
C ASN A 119 13.19 -17.83 -10.81
N ALA A 120 13.68 -16.62 -11.05
CA ALA A 120 14.05 -16.24 -12.42
C ALA A 120 15.20 -17.12 -12.93
N ALA A 121 16.19 -17.40 -12.07
CA ALA A 121 17.32 -18.27 -12.43
C ALA A 121 16.82 -19.70 -12.63
N LEU A 122 15.88 -20.13 -11.79
CA LEU A 122 15.30 -21.49 -11.94
C LEU A 122 14.55 -21.62 -13.26
N LEU A 123 13.67 -20.67 -13.59
CA LEU A 123 13.02 -20.75 -14.90
C LEU A 123 14.05 -20.83 -16.05
N ALA A 124 15.13 -20.02 -15.97
CA ALA A 124 16.20 -20.06 -16.96
C ALA A 124 16.74 -21.50 -17.10
N ALA A 125 17.17 -22.11 -15.99
CA ALA A 125 17.66 -23.49 -15.97
C ALA A 125 16.66 -24.40 -16.68
N ARG A 126 15.40 -24.27 -16.31
CA ARG A 126 14.34 -25.21 -16.71
C ARG A 126 13.95 -25.05 -18.14
N ILE A 127 14.10 -23.83 -18.64
CA ILE A 127 14.08 -23.61 -20.11
C ILE A 127 15.16 -24.41 -20.84
N PHE A 128 16.42 -24.24 -20.43
CA PHE A 128 17.51 -24.94 -21.06
C PHE A 128 17.40 -26.46 -20.86
N SER A 129 16.77 -26.89 -19.76
CA SER A 129 16.76 -28.31 -19.36
C SER A 129 15.96 -29.20 -20.29
N LEU A 130 15.10 -28.59 -21.12
CA LEU A 130 14.34 -29.32 -22.15
C LEU A 130 15.20 -30.08 -23.13
N TYR A 131 16.40 -29.56 -23.37
CA TYR A 131 17.37 -30.14 -24.29
C TYR A 131 18.76 -30.35 -23.64
N ASP A 132 19.03 -29.76 -22.46
CA ASP A 132 20.35 -29.89 -21.83
C ASP A 132 20.24 -30.86 -20.65
N LYS A 133 20.81 -32.04 -20.84
CA LYS A 133 20.67 -33.15 -19.89
C LYS A 133 21.34 -32.84 -18.55
N GLU A 134 22.53 -32.24 -18.60
CA GLU A 134 23.25 -31.82 -17.40
C GLU A 134 22.42 -30.84 -16.51
N ILE A 135 21.88 -29.77 -17.11
CA ILE A 135 21.04 -28.82 -16.35
C ILE A 135 19.76 -29.52 -15.84
N ALA A 136 19.22 -30.47 -16.60
CA ALA A 136 18.03 -31.20 -16.13
C ALA A 136 18.36 -32.01 -14.85
N ASP A 137 19.56 -32.63 -14.81
CA ASP A 137 20.03 -33.30 -13.58
C ASP A 137 20.15 -32.32 -12.40
N SER A 138 20.71 -31.15 -12.66
CA SER A 138 20.93 -30.17 -11.59
C SER A 138 19.63 -29.50 -11.07
N VAL A 139 18.72 -29.18 -11.99
CA VAL A 139 17.37 -28.78 -11.59
C VAL A 139 16.67 -29.87 -10.79
N LYS A 140 16.73 -31.10 -11.25
CA LYS A 140 16.05 -32.20 -10.57
C LYS A 140 16.55 -32.34 -9.12
N SER A 141 17.85 -32.39 -8.90
CA SER A 141 18.36 -32.52 -7.52
C SER A 141 17.97 -31.33 -6.64
N TYR A 142 18.04 -30.10 -7.17
CA TYR A 142 17.62 -28.87 -6.43
C TYR A 142 16.12 -28.85 -6.06
N MET A 143 15.26 -29.26 -6.99
CA MET A 143 13.82 -29.22 -6.70
C MET A 143 13.48 -30.34 -5.72
N GLU A 144 14.01 -31.54 -5.94
CA GLU A 144 13.85 -32.64 -5.00
C GLU A 144 14.31 -32.27 -3.60
N SER A 145 15.43 -31.56 -3.53
CA SER A 145 15.96 -31.08 -2.27
C SER A 145 15.04 -30.09 -1.56
N ASN A 146 14.35 -29.25 -2.32
CA ASN A 146 13.36 -28.35 -1.72
C ASN A 146 12.19 -29.17 -1.13
N ALA A 147 11.73 -30.18 -1.86
CA ALA A 147 10.60 -31.00 -1.39
C ALA A 147 10.99 -31.72 -0.10
N GLN A 148 12.16 -32.33 -0.10
CA GLN A 148 12.66 -33.11 1.03
C GLN A 148 12.79 -32.26 2.28
N LYS A 149 13.26 -31.02 2.14
CA LYS A 149 13.34 -30.08 3.28
C LYS A 149 11.98 -29.91 3.97
N ILE A 150 10.94 -29.69 3.17
CA ILE A 150 9.58 -29.52 3.70
C ILE A 150 9.10 -30.77 4.47
N ILE A 151 9.23 -31.93 3.85
CA ILE A 151 8.88 -33.22 4.50
C ILE A 151 9.63 -33.46 5.82
N GLU A 152 10.95 -33.13 5.85
CA GLU A 152 11.78 -33.21 7.08
C GLU A 152 11.32 -32.22 8.15
N ASP A 153 11.10 -30.97 7.76
CA ASP A 153 10.50 -29.96 8.67
C ASP A 153 9.20 -30.55 9.28
N ASP A 154 8.32 -31.08 8.43
CA ASP A 154 7.12 -31.76 8.95
C ASP A 154 7.40 -32.88 9.94
N SER A 155 8.26 -33.81 9.52
CA SER A 155 8.46 -35.00 10.32
C SER A 155 8.97 -34.66 11.73
N LYS A 156 9.65 -33.53 11.90
CA LYS A 156 10.07 -33.08 13.26
C LYS A 156 8.91 -32.68 14.19
N LEU A 157 7.77 -32.23 13.64
CA LEU A 157 6.59 -31.86 14.48
C LEU A 157 5.78 -33.04 15.08
N ARG B 2 15.44 37.07 -18.99
CA ARG B 2 15.75 35.62 -18.75
C ARG B 2 14.57 34.90 -18.13
N PRO B 3 14.51 33.56 -18.28
CA PRO B 3 13.48 32.74 -17.67
C PRO B 3 13.41 32.85 -16.16
N LEU B 4 12.19 32.67 -15.63
CA LEU B 4 11.93 32.64 -14.21
C LEU B 4 11.06 31.43 -13.92
N VAL B 5 11.41 30.70 -12.88
CA VAL B 5 10.52 29.70 -12.32
C VAL B 5 10.02 30.07 -10.91
N ILE B 6 8.69 30.14 -10.78
CA ILE B 6 8.04 30.38 -9.51
C ILE B 6 7.70 29.02 -8.92
N ILE B 7 8.34 28.68 -7.81
CA ILE B 7 8.07 27.46 -7.07
C ILE B 7 7.13 27.85 -5.94
N LEU B 8 5.87 27.46 -6.07
CA LEU B 8 4.81 27.81 -5.14
C LEU B 8 4.34 26.56 -4.42
N MET B 9 4.45 26.55 -3.09
CA MET B 9 4.08 25.37 -2.30
C MET B 9 2.99 25.74 -1.33
N GLY B 10 2.15 24.77 -0.96
CA GLY B 10 0.97 25.04 -0.15
C GLY B 10 1.23 25.25 1.32
N SER B 11 2.39 24.79 1.80
CA SER B 11 2.76 24.83 3.23
C SER B 11 4.29 24.89 3.40
N SER B 12 4.77 25.52 4.49
CA SER B 12 6.21 25.43 4.85
C SER B 12 6.70 23.98 4.98
N SER B 13 5.80 23.05 5.26
CA SER B 13 6.19 21.66 5.45
C SER B 13 6.61 21.01 4.12
N ASP B 14 6.29 21.66 2.98
CA ASP B 14 6.72 21.24 1.65
C ASP B 14 8.13 21.74 1.27
N MET B 15 8.81 22.44 2.17
CA MET B 15 10.03 23.16 1.82
C MET B 15 11.18 22.27 1.37
N GLY B 16 11.35 21.13 2.02
CA GLY B 16 12.46 20.21 1.63
C GLY B 16 12.30 19.72 0.17
N HIS B 17 11.07 19.42 -0.23
CA HIS B 17 10.76 19.08 -1.61
C HIS B 17 11.02 20.27 -2.55
N ALA B 18 10.58 21.46 -2.16
CA ALA B 18 10.80 22.67 -2.96
C ALA B 18 12.29 22.91 -3.18
N GLU B 19 13.09 22.70 -2.13
CA GLU B 19 14.54 22.97 -2.17
C GLU B 19 15.26 22.05 -3.13
N LYS B 20 14.80 20.80 -3.24
CA LYS B 20 15.39 19.89 -4.19
C LYS B 20 15.14 20.39 -5.63
N ILE B 21 13.96 20.95 -5.89
CA ILE B 21 13.62 21.46 -7.24
C ILE B 21 14.46 22.72 -7.47
N ALA B 22 14.52 23.60 -6.47
CA ALA B 22 15.28 24.85 -6.58
C ALA B 22 16.75 24.61 -6.83
N SER B 23 17.37 23.72 -6.05
CA SER B 23 18.77 23.33 -6.27
C SER B 23 19.05 22.82 -7.67
N GLU B 24 18.14 22.02 -8.22
CA GLU B 24 18.39 21.47 -9.55
C GLU B 24 18.29 22.55 -10.63
N LEU B 25 17.31 23.43 -10.51
CA LEU B 25 17.19 24.57 -11.42
C LEU B 25 18.47 25.38 -11.44
N LYS B 26 19.04 25.61 -10.26
CA LYS B 26 20.29 26.37 -10.14
C LYS B 26 21.44 25.73 -10.96
N THR B 27 21.47 24.41 -11.09
CA THR B 27 22.51 23.74 -11.91
C THR B 27 22.34 23.94 -13.40
N PHE B 28 21.13 24.30 -13.84
CA PHE B 28 20.87 24.70 -15.23
C PHE B 28 20.97 26.23 -15.40
N GLY B 29 21.27 26.95 -14.32
CA GLY B 29 21.40 28.40 -14.39
C GLY B 29 20.08 29.11 -14.61
N ILE B 30 19.02 28.57 -14.02
CA ILE B 30 17.68 29.10 -14.17
C ILE B 30 17.27 29.77 -12.86
N GLU B 31 16.89 31.04 -12.95
CA GLU B 31 16.48 31.79 -11.78
C GLU B 31 15.14 31.28 -11.27
N TYR B 32 15.04 31.16 -9.95
CA TYR B 32 13.80 30.77 -9.30
C TYR B 32 13.38 31.73 -8.17
N ALA B 33 12.10 31.60 -7.77
CA ALA B 33 11.55 32.26 -6.58
C ALA B 33 10.78 31.21 -5.83
N ILE B 34 10.94 31.10 -4.51
CA ILE B 34 10.17 30.15 -3.68
C ILE B 34 9.15 30.90 -2.83
N ARG B 35 7.89 30.46 -2.90
CA ARG B 35 6.77 31.13 -2.26
C ARG B 35 5.84 30.12 -1.62
N ILE B 36 5.02 30.59 -0.69
CA ILE B 36 4.10 29.73 0.04
C ILE B 36 2.70 30.34 -0.01
N GLY B 37 1.72 29.49 -0.36
CA GLY B 37 0.32 29.88 -0.27
C GLY B 37 -0.60 28.69 -0.54
N SER B 38 -1.63 28.53 0.28
CA SER B 38 -2.59 27.41 0.14
C SER B 38 -3.81 27.81 -0.70
N ALA B 39 -4.20 26.93 -1.62
CA ALA B 39 -5.47 27.07 -2.37
C ALA B 39 -6.72 26.89 -1.47
N HIS B 40 -6.58 26.24 -0.33
CA HIS B 40 -7.67 26.12 0.64
C HIS B 40 -7.74 27.29 1.61
N LYS B 41 -6.63 27.56 2.29
CA LYS B 41 -6.62 28.51 3.41
C LYS B 41 -6.32 29.98 3.06
N THR B 42 -5.63 30.22 1.95
CA THR B 42 -5.26 31.60 1.58
C THR B 42 -5.40 31.86 0.09
N ALA B 43 -6.61 31.62 -0.43
CA ALA B 43 -6.90 31.76 -1.88
C ALA B 43 -6.63 33.15 -2.42
N GLU B 44 -7.09 34.18 -1.72
CA GLU B 44 -6.88 35.56 -2.20
C GLU B 44 -5.42 35.97 -2.15
N HIS B 45 -4.67 35.41 -1.21
CA HIS B 45 -3.24 35.69 -1.14
C HIS B 45 -2.56 35.06 -2.35
N VAL B 46 -2.96 33.84 -2.70
CA VAL B 46 -2.43 33.21 -3.91
C VAL B 46 -2.84 34.03 -5.16
N VAL B 47 -4.09 34.47 -5.24
CA VAL B 47 -4.57 35.29 -6.37
C VAL B 47 -3.72 36.54 -6.47
N SER B 48 -3.57 37.24 -5.36
CA SER B 48 -2.79 38.46 -5.36
C SER B 48 -1.32 38.22 -5.78
N MET B 49 -0.72 37.18 -5.25
CA MET B 49 0.63 36.82 -5.62
C MET B 49 0.76 36.47 -7.11
N LEU B 50 -0.13 35.62 -7.64
CA LEU B 50 -0.06 35.30 -9.08
C LEU B 50 -0.13 36.54 -9.99
N LYS B 51 -1.07 37.45 -9.72
CA LYS B 51 -1.21 38.70 -10.50
C LYS B 51 0.12 39.48 -10.57
N GLU B 52 0.90 39.47 -9.49
CA GLU B 52 2.24 40.11 -9.48
C GLU B 52 3.21 39.44 -10.43
N TYR B 53 3.27 38.08 -10.41
CA TYR B 53 4.21 37.34 -11.26
C TYR B 53 3.79 37.40 -12.72
N GLU B 54 2.49 37.36 -12.95
CA GLU B 54 1.94 37.44 -14.29
C GLU B 54 2.25 38.75 -14.98
N ALA B 55 2.44 39.82 -14.22
CA ALA B 55 2.79 41.13 -14.80
C ALA B 55 4.27 41.25 -15.24
N LEU B 56 5.13 40.31 -14.85
CA LEU B 56 6.52 40.36 -15.29
C LEU B 56 6.64 39.99 -16.79
N ASP B 57 7.42 40.78 -17.52
CA ASP B 57 7.69 40.49 -18.94
C ASP B 57 9.00 39.70 -19.07
N ARG B 58 8.93 38.41 -18.72
CA ARG B 58 10.02 37.48 -18.98
C ARG B 58 9.38 36.14 -19.06
N PRO B 59 9.95 35.22 -19.84
CA PRO B 59 9.31 33.88 -19.87
C PRO B 59 9.26 33.24 -18.50
N LYS B 60 8.10 32.74 -18.08
CA LYS B 60 7.98 32.09 -16.81
C LYS B 60 7.20 30.77 -16.81
N LEU B 61 7.60 29.90 -15.87
CA LEU B 61 6.87 28.69 -15.52
C LEU B 61 6.58 28.72 -14.03
N TYR B 62 5.50 28.06 -13.64
CA TYR B 62 5.17 27.85 -12.25
C TYR B 62 5.26 26.39 -11.94
N ILE B 63 5.95 26.06 -10.85
CA ILE B 63 6.06 24.68 -10.36
C ILE B 63 5.34 24.65 -9.01
N THR B 64 4.25 23.89 -8.96
CA THR B 64 3.28 23.97 -7.87
C THR B 64 3.31 22.68 -7.05
N ILE B 65 3.41 22.86 -5.72
CA ILE B 65 3.72 21.77 -4.79
C ILE B 65 2.66 21.76 -3.71
N ALA B 66 1.87 20.70 -3.68
CA ALA B 66 0.91 20.57 -2.63
C ALA B 66 0.74 19.09 -2.33
N GLY B 67 0.99 18.74 -1.08
CA GLY B 67 0.72 17.36 -0.60
C GLY B 67 -0.76 17.11 -0.43
N ARG B 68 -1.12 15.89 -0.06
CA ARG B 68 -2.52 15.55 0.19
C ARG B 68 -3.34 15.82 -1.08
N SER B 69 -4.58 16.28 -0.95
CA SER B 69 -5.43 16.59 -2.11
C SER B 69 -4.98 17.92 -2.75
N ASN B 70 -4.34 17.81 -3.90
CA ASN B 70 -3.68 18.90 -4.53
C ASN B 70 -4.64 19.77 -5.28
N ALA B 71 -5.15 20.81 -4.61
CA ALA B 71 -6.00 21.80 -5.21
C ALA B 71 -5.13 22.89 -5.88
N LEU B 72 -3.90 23.04 -5.35
CA LEU B 72 -3.04 24.15 -5.70
C LEU B 72 -2.66 24.16 -7.17
N SER B 73 -2.22 23.02 -7.72
CA SER B 73 -1.81 23.02 -9.14
C SER B 73 -2.91 23.45 -10.14
N GLY B 74 -4.11 22.87 -10.05
CA GLY B 74 -5.17 23.27 -10.96
C GLY B 74 -5.65 24.70 -10.77
N PHE B 75 -5.61 25.16 -9.53
CA PHE B 75 -6.00 26.53 -9.18
C PHE B 75 -5.07 27.53 -9.83
N VAL B 76 -3.76 27.29 -9.72
CA VAL B 76 -2.76 28.17 -10.30
C VAL B 76 -2.82 28.05 -11.82
N ASP B 77 -2.90 26.81 -12.31
CA ASP B 77 -2.99 26.56 -13.75
C ASP B 77 -4.15 27.25 -14.46
N GLY B 78 -5.30 27.29 -13.80
CA GLY B 78 -6.45 27.99 -14.38
C GLY B 78 -6.31 29.49 -14.33
N PHE B 79 -5.49 30.00 -13.40
CA PHE B 79 -5.30 31.41 -13.24
C PHE B 79 -4.26 32.02 -14.21
N VAL B 80 -3.08 31.41 -14.32
CA VAL B 80 -2.00 31.96 -15.13
C VAL B 80 -2.18 31.65 -16.63
N LYS B 81 -1.46 32.38 -17.48
CA LYS B 81 -1.57 32.27 -18.94
C LYS B 81 -0.70 31.13 -19.47
N GLY B 82 0.55 31.09 -19.01
CA GLY B 82 1.54 30.17 -19.52
C GLY B 82 1.48 28.82 -18.84
N ALA B 83 2.39 27.93 -19.23
CA ALA B 83 2.33 26.55 -18.73
C ALA B 83 2.71 26.46 -17.27
N THR B 84 2.20 25.42 -16.61
CA THR B 84 2.65 25.07 -15.27
C THR B 84 2.96 23.59 -15.16
N ILE B 85 3.67 23.27 -14.09
CA ILE B 85 4.13 21.94 -13.77
C ILE B 85 3.70 21.55 -12.37
N ALA B 86 3.05 20.40 -12.22
CA ALA B 86 2.66 19.90 -10.92
C ALA B 86 3.71 18.92 -10.42
N CYS B 87 4.28 19.14 -9.24
CA CYS B 87 5.27 18.22 -8.67
C CYS B 87 5.00 18.01 -7.19
N PRO B 88 4.09 17.08 -6.88
CA PRO B 88 3.66 16.90 -5.52
C PRO B 88 4.70 16.25 -4.67
N PRO B 89 4.71 16.53 -3.37
CA PRO B 89 5.68 15.84 -2.51
C PRO B 89 5.32 14.36 -2.39
N PRO B 90 6.30 13.48 -2.13
CA PRO B 90 5.95 12.05 -2.10
C PRO B 90 5.19 11.67 -0.84
N SER B 91 4.30 10.70 -0.96
CA SER B 91 3.53 10.23 0.15
C SER B 91 3.21 8.75 -0.07
N ASP B 92 3.22 7.97 0.99
CA ASP B 92 2.76 6.60 0.85
CA ASP B 92 2.87 6.57 1.00
C ASP B 92 1.45 6.39 1.55
N SER B 93 0.77 7.45 1.90
CA SER B 93 -0.54 7.23 2.52
C SER B 93 -1.56 6.77 1.45
N PHE B 94 -2.44 5.86 1.83
CA PHE B 94 -3.35 5.22 0.88
C PHE B 94 -2.64 4.75 -0.37
N ALA B 95 -1.49 4.13 -0.16
CA ALA B 95 -0.68 3.56 -1.26
C ALA B 95 -0.33 4.60 -2.32
N GLY B 96 -0.17 5.86 -1.88
CA GLY B 96 0.20 6.92 -2.81
C GLY B 96 -0.94 7.52 -3.55
N ALA B 97 -2.20 7.25 -3.14
CA ALA B 97 -3.34 7.68 -3.91
C ALA B 97 -3.60 9.19 -3.92
N ASP B 98 -2.89 9.99 -3.10
CA ASP B 98 -2.84 11.39 -3.35
C ASP B 98 -2.49 11.77 -4.80
N ILE B 99 -1.83 10.89 -5.53
CA ILE B 99 -1.38 11.25 -6.90
C ILE B 99 -2.58 11.57 -7.79
N TYR B 100 -3.74 10.93 -7.53
CA TYR B 100 -4.87 11.13 -8.45
C TYR B 100 -5.41 12.54 -8.45
N SER B 101 -5.25 13.23 -7.32
CA SER B 101 -5.64 14.65 -7.14
C SER B 101 -4.81 15.59 -8.02
N SER B 102 -3.61 15.13 -8.43
CA SER B 102 -2.80 15.86 -9.41
C SER B 102 -3.10 15.46 -10.85
N LEU B 103 -3.53 14.24 -11.10
CA LEU B 103 -3.73 13.71 -12.46
C LEU B 103 -5.10 14.16 -13.03
N ARG B 104 -6.13 14.12 -12.17
CA ARG B 104 -7.53 14.19 -12.65
C ARG B 104 -8.07 15.62 -12.78
N MET B 105 -7.65 16.26 -13.87
CA MET B 105 -8.03 17.64 -14.15
C MET B 105 -9.29 17.74 -14.98
N PRO B 106 -10.07 18.83 -14.79
CA PRO B 106 -11.16 19.08 -15.75
C PRO B 106 -10.65 19.48 -17.13
N SER B 107 -11.56 19.61 -18.09
CA SER B 107 -11.25 20.22 -19.39
C SER B 107 -10.66 21.60 -19.20
N GLY B 108 -9.58 21.90 -19.93
CA GLY B 108 -9.03 23.29 -19.98
C GLY B 108 -8.08 23.62 -18.87
N ILE B 109 -7.67 22.61 -18.10
CA ILE B 109 -6.65 22.76 -17.06
C ILE B 109 -5.56 21.74 -17.37
N SER B 110 -4.33 22.22 -17.59
CA SER B 110 -3.26 21.42 -18.20
C SER B 110 -1.87 21.47 -17.52
N PRO B 111 -1.81 21.39 -16.18
CA PRO B 111 -0.48 21.29 -15.58
C PRO B 111 0.25 20.00 -15.99
N ALA B 112 1.54 20.08 -16.26
CA ALA B 112 2.39 18.90 -16.52
C ALA B 112 2.65 18.20 -15.21
N LEU B 113 2.30 16.93 -15.11
CA LEU B 113 2.60 16.20 -13.88
C LEU B 113 3.94 15.52 -14.02
N VAL B 114 4.81 15.74 -13.05
CA VAL B 114 6.11 15.07 -12.95
C VAL B 114 6.32 14.68 -11.45
N LEU B 115 6.74 13.43 -11.21
CA LEU B 115 6.92 12.92 -9.86
C LEU B 115 8.20 13.43 -9.22
N GLU B 116 9.36 13.22 -9.83
CA GLU B 116 10.62 13.46 -9.11
C GLU B 116 10.98 14.93 -9.16
N PRO B 117 11.38 15.52 -8.02
CA PRO B 117 11.72 16.95 -8.04
C PRO B 117 12.85 17.32 -9.04
N LYS B 118 13.87 16.48 -9.17
CA LYS B 118 14.92 16.75 -10.19
C LYS B 118 14.37 16.67 -11.65
N ASN B 119 13.40 15.79 -11.89
CA ASN B 119 12.75 15.71 -13.21
C ASN B 119 11.82 16.89 -13.50
N ALA B 120 11.18 17.47 -12.46
CA ALA B 120 10.36 18.65 -12.65
C ALA B 120 11.22 19.82 -13.07
N ALA B 121 12.41 19.94 -12.45
CA ALA B 121 13.37 20.97 -12.82
C ALA B 121 13.87 20.72 -14.24
N LEU B 122 14.18 19.48 -14.57
CA LEU B 122 14.56 19.11 -15.94
C LEU B 122 13.51 19.44 -17.00
N LEU B 123 12.23 19.12 -16.74
CA LEU B 123 11.17 19.50 -17.67
C LEU B 123 11.09 21.02 -17.84
N ALA B 124 11.21 21.77 -16.75
CA ALA B 124 11.12 23.24 -16.83
C ALA B 124 12.24 23.73 -17.75
N ALA B 125 13.46 23.25 -17.51
CA ALA B 125 14.61 23.63 -18.36
C ALA B 125 14.30 23.37 -19.82
N ARG B 126 13.70 22.20 -20.07
CA ARG B 126 13.54 21.73 -21.43
C ARG B 126 12.40 22.49 -22.11
N ILE B 127 11.44 22.98 -21.34
CA ILE B 127 10.41 23.88 -21.87
C ILE B 127 11.08 25.18 -22.39
N PHE B 128 11.93 25.78 -21.56
CA PHE B 128 12.67 26.99 -22.00
C PHE B 128 13.62 26.72 -23.17
N SER B 129 14.24 25.54 -23.17
CA SER B 129 15.23 25.20 -24.18
C SER B 129 14.75 25.28 -25.63
N LEU B 130 13.43 25.19 -25.88
CA LEU B 130 12.94 25.29 -27.27
C LEU B 130 13.33 26.63 -27.90
N TYR B 131 13.49 27.66 -27.05
CA TYR B 131 13.84 29.01 -27.49
C TYR B 131 15.14 29.60 -26.87
N ASP B 132 15.71 28.97 -25.84
CA ASP B 132 16.84 29.56 -25.07
C ASP B 132 18.06 28.66 -25.27
N LYS B 133 18.99 29.10 -26.10
CA LYS B 133 20.14 28.28 -26.51
C LYS B 133 21.09 27.92 -25.35
N GLU B 134 21.14 28.81 -24.37
CA GLU B 134 22.02 28.69 -23.21
C GLU B 134 21.51 27.58 -22.33
N ILE B 135 20.21 27.57 -22.11
CA ILE B 135 19.58 26.46 -21.37
C ILE B 135 19.63 25.17 -22.18
N ALA B 136 19.43 25.26 -23.49
CA ALA B 136 19.56 24.07 -24.38
C ALA B 136 20.92 23.39 -24.31
N ASP B 137 22.02 24.17 -24.37
CA ASP B 137 23.36 23.56 -24.25
C ASP B 137 23.56 22.90 -22.87
N SER B 138 23.07 23.58 -21.83
CA SER B 138 23.17 23.09 -20.48
C SER B 138 22.38 21.76 -20.30
N VAL B 139 21.15 21.71 -20.82
CA VAL B 139 20.36 20.47 -20.83
C VAL B 139 21.07 19.34 -21.56
N LYS B 140 21.58 19.65 -22.76
CA LYS B 140 22.34 18.70 -23.59
C LYS B 140 23.53 18.10 -22.82
N SER B 141 24.31 18.93 -22.15
CA SER B 141 25.44 18.43 -21.37
C SER B 141 24.97 17.55 -20.20
N TYR B 142 23.88 17.95 -19.57
CA TYR B 142 23.32 17.18 -18.45
C TYR B 142 22.84 15.83 -18.96
N MET B 143 22.04 15.80 -20.02
CA MET B 143 21.52 14.52 -20.51
C MET B 143 22.62 13.61 -21.06
N GLU B 144 23.57 14.17 -21.82
CA GLU B 144 24.69 13.37 -22.32
C GLU B 144 25.47 12.78 -21.14
N SER B 145 25.58 13.55 -20.07
CA SER B 145 26.33 13.13 -18.90
C SER B 145 25.71 11.92 -18.20
N ASN B 146 24.39 11.99 -18.00
CA ASN B 146 23.63 10.86 -17.48
C ASN B 146 23.79 9.59 -18.31
N ALA B 147 23.74 9.74 -19.63
CA ALA B 147 23.91 8.64 -20.57
C ALA B 147 25.33 8.07 -20.49
N GLN B 148 26.33 8.95 -20.51
CA GLN B 148 27.72 8.49 -20.34
C GLN B 148 27.99 7.72 -19.04
N LYS B 149 27.37 8.12 -17.93
CA LYS B 149 27.57 7.41 -16.67
C LYS B 149 27.09 5.96 -16.79
N ILE B 150 25.95 5.76 -17.45
CA ILE B 150 25.42 4.42 -17.63
C ILE B 150 26.37 3.55 -18.45
N ILE B 151 26.82 4.11 -19.57
CA ILE B 151 27.75 3.38 -20.45
C ILE B 151 29.05 3.07 -19.73
N GLU B 152 29.55 4.00 -18.91
CA GLU B 152 30.80 3.78 -18.17
C GLU B 152 30.63 2.73 -17.08
N ASP B 153 29.47 2.75 -16.41
CA ASP B 153 29.15 1.71 -15.43
C ASP B 153 29.15 0.33 -16.07
N ASP B 154 28.58 0.22 -17.26
CA ASP B 154 28.59 -1.05 -18.01
C ASP B 154 30.01 -1.52 -18.40
N SER B 155 30.78 -0.60 -18.95
CA SER B 155 32.11 -0.99 -19.42
C SER B 155 33.09 -1.32 -18.26
N LYS B 156 32.88 -0.71 -17.09
CA LYS B 156 33.65 -0.99 -15.88
C LYS B 156 33.39 -2.37 -15.27
N LEU B 157 32.26 -2.98 -15.54
CA LEU B 157 32.00 -4.28 -14.91
C LEU B 157 33.12 -5.31 -15.07
N ARG C 2 -23.51 25.09 27.00
CA ARG C 2 -24.70 24.38 26.45
C ARG C 2 -24.32 23.23 25.47
N PRO C 3 -23.55 23.51 24.39
CA PRO C 3 -23.23 22.37 23.51
C PRO C 3 -22.50 21.19 24.21
N LEU C 4 -22.75 19.96 23.71
CA LEU C 4 -22.05 18.75 24.16
C LEU C 4 -21.64 17.92 22.97
N VAL C 5 -20.37 17.50 22.95
CA VAL C 5 -19.89 16.51 21.99
C VAL C 5 -19.63 15.22 22.75
N ILE C 6 -20.29 14.14 22.36
CA ILE C 6 -19.97 12.81 22.92
C ILE C 6 -18.93 12.11 22.04
N ILE C 7 -17.70 11.90 22.54
CA ILE C 7 -16.68 11.15 21.75
C ILE C 7 -16.75 9.67 22.14
N LEU C 8 -17.20 8.85 21.22
CA LEU C 8 -17.46 7.42 21.44
C LEU C 8 -16.53 6.57 20.57
N MET C 9 -15.66 5.84 21.24
CA MET C 9 -14.72 4.97 20.55
C MET C 9 -15.04 3.52 20.83
N GLY C 10 -14.64 2.65 19.89
CA GLY C 10 -14.86 1.22 20.01
C GLY C 10 -13.98 0.45 21.01
N SER C 11 -12.80 0.99 21.33
CA SER C 11 -11.86 0.27 22.18
C SER C 11 -10.94 1.23 22.87
N SER C 12 -10.49 0.83 24.07
CA SER C 12 -9.56 1.67 24.84
C SER C 12 -8.28 1.94 24.02
N SER C 13 -7.99 1.09 23.04
CA SER C 13 -6.78 1.29 22.23
C SER C 13 -6.93 2.49 21.24
N ASP C 14 -8.15 3.03 21.14
CA ASP C 14 -8.46 4.22 20.32
C ASP C 14 -8.24 5.53 21.12
N MET C 15 -7.87 5.42 22.41
CA MET C 15 -7.86 6.59 23.30
C MET C 15 -6.93 7.69 22.83
N GLY C 16 -5.74 7.34 22.34
CA GLY C 16 -4.77 8.34 21.85
C GLY C 16 -5.40 9.27 20.80
N HIS C 17 -6.12 8.65 19.87
CA HIS C 17 -6.85 9.36 18.82
C HIS C 17 -8.02 10.19 19.41
N ALA C 18 -8.82 9.60 20.30
CA ALA C 18 -9.91 10.32 20.99
C ALA C 18 -9.40 11.57 21.72
N GLU C 19 -8.31 11.43 22.46
CA GLU C 19 -7.75 12.56 23.22
C GLU C 19 -7.29 13.73 22.34
N LYS C 20 -6.87 13.47 21.11
CA LYS C 20 -6.48 14.53 20.16
C LYS C 20 -7.70 15.37 19.77
N ILE C 21 -8.81 14.69 19.62
CA ILE C 21 -10.09 15.35 19.33
C ILE C 21 -10.55 16.16 20.54
N ALA C 22 -10.46 15.54 21.73
CA ALA C 22 -10.90 16.19 22.96
C ALA C 22 -10.08 17.45 23.26
N SER C 23 -8.76 17.34 23.19
CA SER C 23 -7.88 18.51 23.30
C SER C 23 -8.29 19.68 22.42
N GLU C 24 -8.64 19.37 21.19
CA GLU C 24 -8.93 20.40 20.22
C GLU C 24 -10.32 20.99 20.47
N LEU C 25 -11.29 20.18 20.86
CA LEU C 25 -12.60 20.71 21.35
C LEU C 25 -12.45 21.67 22.51
N LYS C 26 -11.55 21.34 23.44
CA LYS C 26 -11.27 22.23 24.55
C LYS C 26 -10.78 23.62 24.09
N THR C 27 -10.00 23.68 23.00
CA THR C 27 -9.47 24.97 22.52
C THR C 27 -10.60 25.87 22.07
N PHE C 28 -11.72 25.29 21.64
CA PHE C 28 -12.87 26.01 21.12
C PHE C 28 -13.92 26.30 22.19
N GLY C 29 -13.65 25.94 23.46
CA GLY C 29 -14.62 26.06 24.54
C GLY C 29 -15.83 25.14 24.53
N ILE C 30 -15.66 23.94 24.00
CA ILE C 30 -16.74 22.96 23.83
C ILE C 30 -16.54 21.76 24.74
N GLU C 31 -17.56 21.52 25.57
CA GLU C 31 -17.58 20.45 26.52
C GLU C 31 -17.68 19.15 25.77
N TYR C 32 -16.99 18.13 26.27
CA TYR C 32 -17.00 16.84 25.63
C TYR C 32 -17.19 15.77 26.71
N ALA C 33 -17.64 14.60 26.28
CA ALA C 33 -17.58 13.37 27.08
C ALA C 33 -16.80 12.31 26.28
N ILE C 34 -15.93 11.53 26.92
CA ILE C 34 -15.21 10.44 26.26
C ILE C 34 -15.76 9.13 26.79
N ARG C 35 -16.13 8.24 25.88
CA ARG C 35 -16.77 6.98 26.25
C ARG C 35 -16.29 5.86 25.36
N ILE C 36 -16.46 4.63 25.83
CA ILE C 36 -16.01 3.41 25.13
C ILE C 36 -17.15 2.41 25.01
N GLY C 37 -17.27 1.85 23.81
CA GLY C 37 -18.33 0.89 23.51
C GLY C 37 -18.22 0.41 22.07
N SER C 38 -18.35 -0.91 21.90
CA SER C 38 -18.20 -1.54 20.60
C SER C 38 -19.55 -1.93 20.02
N ALA C 39 -19.74 -1.63 18.74
CA ALA C 39 -20.92 -2.03 17.99
C ALA C 39 -20.89 -3.53 17.69
N HIS C 40 -19.72 -4.16 17.66
CA HIS C 40 -19.70 -5.64 17.55
C HIS C 40 -19.91 -6.33 18.92
N LYS C 41 -19.15 -5.90 19.92
CA LYS C 41 -19.05 -6.69 21.19
C LYS C 41 -20.00 -6.29 22.30
N THR C 42 -20.44 -5.02 22.31
CA THR C 42 -21.24 -4.48 23.42
C THR C 42 -22.37 -3.63 22.86
N ALA C 43 -23.25 -4.25 22.08
CA ALA C 43 -24.25 -3.51 21.33
C ALA C 43 -25.34 -2.95 22.23
N GLU C 44 -25.76 -3.68 23.26
CA GLU C 44 -26.85 -3.22 24.12
C GLU C 44 -26.35 -2.12 25.06
N HIS C 45 -25.11 -2.24 25.52
CA HIS C 45 -24.44 -1.15 26.26
C HIS C 45 -24.31 0.13 25.41
N VAL C 46 -24.06 0.04 24.11
CA VAL C 46 -23.99 1.26 23.29
C VAL C 46 -25.37 1.90 23.18
N VAL C 47 -26.39 1.07 22.94
CA VAL C 47 -27.78 1.53 22.89
C VAL C 47 -28.26 2.23 24.19
N SER C 48 -28.01 1.65 25.36
CA SER C 48 -28.40 2.28 26.61
C SER C 48 -27.63 3.59 26.83
N MET C 49 -26.36 3.63 26.45
CA MET C 49 -25.58 4.84 26.62
C MET C 49 -26.13 5.96 25.73
N LEU C 50 -26.43 5.63 24.47
CA LEU C 50 -26.99 6.63 23.54
C LEU C 50 -28.39 7.13 23.97
N LYS C 51 -29.22 6.27 24.54
CA LYS C 51 -30.51 6.75 25.09
C LYS C 51 -30.36 7.81 26.20
N GLU C 52 -29.30 7.71 26.99
CA GLU C 52 -29.06 8.66 28.10
C GLU C 52 -28.69 10.03 27.57
N TYR C 53 -27.81 10.03 26.55
CA TYR C 53 -27.40 11.26 25.89
C TYR C 53 -28.52 11.89 25.08
N GLU C 54 -29.28 11.06 24.38
CA GLU C 54 -30.36 11.58 23.56
C GLU C 54 -31.38 12.27 24.42
N ALA C 55 -31.60 11.75 25.64
CA ALA C 55 -32.53 12.33 26.59
C ALA C 55 -32.20 13.74 27.07
N LEU C 56 -30.96 14.18 26.91
CA LEU C 56 -30.54 15.51 27.36
C LEU C 56 -31.00 16.62 26.43
N ASP C 57 -31.65 17.62 26.99
CA ASP C 57 -32.13 18.75 26.19
C ASP C 57 -31.08 19.87 26.01
N ARG C 58 -30.10 19.56 25.17
CA ARG C 58 -28.97 20.44 24.81
C ARG C 58 -28.47 20.03 23.44
N PRO C 59 -27.99 21.01 22.65
CA PRO C 59 -27.51 20.72 21.30
C PRO C 59 -26.27 19.80 21.32
N LYS C 60 -26.33 18.67 20.63
CA LYS C 60 -25.24 17.69 20.71
C LYS C 60 -24.82 17.06 19.42
N LEU C 61 -23.54 16.67 19.41
CA LEU C 61 -22.92 15.90 18.32
C LEU C 61 -22.23 14.69 18.91
N TYR C 62 -22.14 13.62 18.13
CA TYR C 62 -21.33 12.48 18.48
C TYR C 62 -20.19 12.41 17.46
N ILE C 63 -18.98 12.23 17.97
CA ILE C 63 -17.83 11.87 17.15
C ILE C 63 -17.48 10.42 17.46
N THR C 64 -17.57 9.57 16.43
CA THR C 64 -17.49 8.11 16.54
C THR C 64 -16.19 7.58 15.89
N ILE C 65 -15.43 6.84 16.69
CA ILE C 65 -14.08 6.40 16.41
C ILE C 65 -14.01 4.88 16.51
N ALA C 66 -13.76 4.21 15.41
CA ALA C 66 -13.56 2.80 15.41
C ALA C 66 -12.60 2.46 14.28
N GLY C 67 -11.53 1.76 14.62
CA GLY C 67 -10.58 1.20 13.68
C GLY C 67 -11.15 -0.01 12.95
N ARG C 68 -10.37 -0.55 12.04
CA ARG C 68 -10.76 -1.69 11.25
C ARG C 68 -12.11 -1.42 10.58
N SER C 69 -12.98 -2.41 10.56
CA SER C 69 -14.22 -2.27 9.87
C SER C 69 -15.12 -1.47 10.82
N ASN C 70 -15.37 -0.21 10.46
CA ASN C 70 -16.15 0.75 11.27
C ASN C 70 -17.65 0.52 11.17
N ALA C 71 -18.15 -0.32 12.07
CA ALA C 71 -19.56 -0.52 12.26
C ALA C 71 -20.18 0.57 13.14
N LEU C 72 -19.35 1.17 13.99
CA LEU C 72 -19.78 2.06 15.08
C LEU C 72 -20.43 3.35 14.58
N SER C 73 -19.78 4.01 13.62
CA SER C 73 -20.29 5.29 13.17
C SER C 73 -21.70 5.13 12.62
N GLY C 74 -21.92 4.14 11.77
CA GLY C 74 -23.23 3.94 11.16
C GLY C 74 -24.29 3.52 12.16
N PHE C 75 -23.85 2.73 13.15
CA PHE C 75 -24.74 2.22 14.21
C PHE C 75 -25.26 3.41 15.03
N VAL C 76 -24.33 4.25 15.47
CA VAL C 76 -24.66 5.43 16.28
C VAL C 76 -25.51 6.36 15.45
N ASP C 77 -25.09 6.57 14.20
CA ASP C 77 -25.75 7.56 13.35
C ASP C 77 -27.22 7.22 13.11
N GLY C 78 -27.49 5.93 12.97
CA GLY C 78 -28.84 5.44 12.73
C GLY C 78 -29.72 5.48 13.96
N PHE C 79 -29.10 5.38 15.15
CA PHE C 79 -29.84 5.42 16.38
C PHE C 79 -30.25 6.85 16.81
N VAL C 80 -29.31 7.78 16.78
CA VAL C 80 -29.53 9.14 17.28
C VAL C 80 -30.22 9.99 16.20
N LYS C 81 -30.75 11.16 16.54
CA LYS C 81 -31.50 11.94 15.54
C LYS C 81 -30.70 13.12 14.97
N GLY C 82 -29.89 13.76 15.83
CA GLY C 82 -28.96 14.81 15.41
C GLY C 82 -27.75 14.28 14.62
N ALA C 83 -26.95 15.18 14.05
CA ALA C 83 -25.80 14.82 13.20
C ALA C 83 -24.74 14.10 14.00
N THR C 84 -23.94 13.33 13.26
CA THR C 84 -22.78 12.67 13.82
C THR C 84 -21.58 12.83 12.89
N ILE C 85 -20.40 12.60 13.44
CA ILE C 85 -19.14 12.69 12.70
C ILE C 85 -18.37 11.42 12.88
N ALA C 86 -17.91 10.84 11.77
CA ALA C 86 -17.07 9.69 11.82
C ALA C 86 -15.61 10.15 11.67
N CYS C 87 -14.73 9.72 12.59
CA CYS C 87 -13.31 10.07 12.58
C CYS C 87 -12.49 8.83 13.01
N PRO C 88 -12.30 7.90 12.08
CA PRO C 88 -11.60 6.67 12.40
C PRO C 88 -10.10 6.92 12.69
N PRO C 89 -9.48 6.11 13.54
CA PRO C 89 -8.07 6.26 13.73
C PRO C 89 -7.30 5.91 12.43
N PRO C 90 -6.10 6.45 12.26
CA PRO C 90 -5.32 6.14 11.05
C PRO C 90 -4.87 4.68 10.96
N SER C 91 -4.76 4.16 9.75
CA SER C 91 -4.29 2.79 9.51
C SER C 91 -3.69 2.68 8.12
N ASP C 92 -2.60 1.94 8.00
CA ASP C 92 -2.06 1.63 6.67
C ASP C 92 -2.30 0.15 6.23
N SER C 93 -3.09 -0.59 6.97
CA SER C 93 -3.42 -1.97 6.63
C SER C 93 -4.15 -1.94 5.27
N PHE C 94 -3.79 -2.83 4.35
CA PHE C 94 -4.41 -2.91 3.01
C PHE C 94 -4.42 -1.54 2.29
N ALA C 95 -3.33 -0.81 2.40
CA ALA C 95 -3.20 0.53 1.78
C ALA C 95 -4.24 1.52 2.31
N GLY C 96 -4.64 1.38 3.56
CA GLY C 96 -5.69 2.25 4.17
C GLY C 96 -7.11 1.95 3.83
N ALA C 97 -7.36 0.74 3.36
CA ALA C 97 -8.68 0.38 2.84
C ALA C 97 -9.74 0.27 3.89
N ASP C 98 -9.37 0.28 5.20
CA ASP C 98 -10.43 0.44 6.23
C ASP C 98 -11.31 1.68 6.03
N ILE C 99 -10.78 2.69 5.32
CA ILE C 99 -11.54 3.92 5.11
C ILE C 99 -12.91 3.67 4.45
N TYR C 100 -12.98 2.66 3.59
CA TYR C 100 -14.25 2.39 2.90
C TYR C 100 -15.40 2.01 3.83
N SER C 101 -15.09 1.42 4.98
CA SER C 101 -16.10 1.00 5.92
C SER C 101 -16.71 2.23 6.58
N SER C 102 -16.01 3.37 6.55
CA SER C 102 -16.61 4.66 7.00
C SER C 102 -17.39 5.46 5.94
N LEU C 103 -17.02 5.27 4.68
CA LEU C 103 -17.59 6.01 3.57
C LEU C 103 -18.92 5.39 3.08
N ARG C 104 -18.97 4.06 2.97
CA ARG C 104 -20.03 3.36 2.24
C ARG C 104 -21.27 3.08 3.09
N MET C 105 -22.03 4.13 3.32
CA MET C 105 -23.25 4.08 4.15
C MET C 105 -24.47 3.71 3.29
N PRO C 106 -25.48 3.03 3.87
CA PRO C 106 -26.74 2.82 3.16
C PRO C 106 -27.53 4.11 3.08
N SER C 107 -28.65 4.08 2.35
CA SER C 107 -29.56 5.23 2.27
C SER C 107 -30.06 5.57 3.68
N GLY C 108 -30.12 6.85 4.02
CA GLY C 108 -30.64 7.27 5.34
C GLY C 108 -29.67 7.26 6.53
N ILE C 109 -28.41 6.99 6.26
CA ILE C 109 -27.37 7.03 7.27
C ILE C 109 -26.33 8.02 6.78
N SER C 110 -26.03 9.06 7.58
CA SER C 110 -25.33 10.25 7.10
C SER C 110 -24.28 10.82 8.05
N PRO C 111 -23.40 9.96 8.60
CA PRO C 111 -22.33 10.56 9.39
C PRO C 111 -21.37 11.36 8.48
N ALA C 112 -20.87 12.46 9.00
CA ALA C 112 -19.88 13.28 8.35
C ALA C 112 -18.51 12.62 8.53
N LEU C 113 -17.88 12.23 7.44
CA LEU C 113 -16.53 11.63 7.55
C LEU C 113 -15.44 12.69 7.42
N VAL C 114 -14.55 12.74 8.41
CA VAL C 114 -13.39 13.62 8.41
C VAL C 114 -12.20 12.75 8.90
N LEU C 115 -11.08 12.76 8.19
CA LEU C 115 -9.91 12.00 8.60
C LEU C 115 -9.16 12.55 9.81
N GLU C 116 -8.80 13.84 9.82
CA GLU C 116 -7.84 14.29 10.85
C GLU C 116 -8.59 14.60 12.15
N PRO C 117 -8.03 14.20 13.31
CA PRO C 117 -8.74 14.46 14.56
C PRO C 117 -9.00 15.94 14.87
N LYS C 118 -8.01 16.77 14.63
CA LYS C 118 -8.18 18.21 14.79
C LYS C 118 -9.23 18.77 13.81
N ASN C 119 -9.31 18.21 12.59
CA ASN C 119 -10.37 18.64 11.65
C ASN C 119 -11.76 18.17 12.04
N ALA C 120 -11.88 17.01 12.67
CA ALA C 120 -13.18 16.53 13.18
C ALA C 120 -13.70 17.51 14.24
N ALA C 121 -12.83 17.92 15.16
CA ALA C 121 -13.18 18.86 16.21
C ALA C 121 -13.59 20.19 15.57
N LEU C 122 -12.81 20.65 14.59
CA LEU C 122 -13.16 21.88 13.87
C LEU C 122 -14.56 21.80 13.27
N LEU C 123 -14.86 20.68 12.62
CA LEU C 123 -16.17 20.53 11.99
C LEU C 123 -17.27 20.64 13.05
N ALA C 124 -17.09 20.00 14.22
CA ALA C 124 -18.08 20.05 15.29
C ALA C 124 -18.33 21.49 15.65
N ALA C 125 -17.25 22.23 15.89
CA ALA C 125 -17.29 23.63 16.26
C ALA C 125 -18.02 24.46 15.18
N ARG C 126 -17.79 24.17 13.91
CA ARG C 126 -18.47 24.98 12.91
C ARG C 126 -19.95 24.60 12.71
N ILE C 127 -20.32 23.38 13.12
CA ILE C 127 -21.72 22.95 13.14
C ILE C 127 -22.48 23.80 14.19
N PHE C 128 -21.88 23.90 15.38
CA PHE C 128 -22.48 24.67 16.45
C PHE C 128 -22.51 26.15 16.11
N SER C 129 -21.49 26.62 15.39
CA SER C 129 -21.31 28.07 15.10
C SER C 129 -22.37 28.69 14.24
N LEU C 130 -23.22 27.90 13.61
CA LEU C 130 -24.28 28.47 12.78
C LEU C 130 -25.28 29.22 13.67
N TYR C 131 -25.34 28.80 14.94
CA TYR C 131 -26.28 29.33 15.94
C TYR C 131 -25.60 29.76 17.26
N ASP C 132 -24.29 29.56 17.40
CA ASP C 132 -23.57 29.86 18.68
C ASP C 132 -22.46 30.87 18.40
N LYS C 133 -22.69 32.11 18.82
CA LYS C 133 -21.82 33.26 18.55
C LYS C 133 -20.43 33.12 19.21
N GLU C 134 -20.37 32.68 20.46
CA GLU C 134 -19.09 32.36 21.13
C GLU C 134 -18.23 31.38 20.32
N ILE C 135 -18.80 30.25 19.95
CA ILE C 135 -18.04 29.25 19.23
C ILE C 135 -17.67 29.83 17.86
N ALA C 136 -18.63 30.42 17.17
CA ALA C 136 -18.39 31.13 15.91
C ALA C 136 -17.19 32.07 16.02
N ASP C 137 -17.15 32.90 17.08
CA ASP C 137 -16.01 33.80 17.31
C ASP C 137 -14.68 33.04 17.48
N SER C 138 -14.73 31.90 18.15
CA SER C 138 -13.51 31.13 18.37
C SER C 138 -13.00 30.38 17.12
N VAL C 139 -13.91 29.85 16.28
CA VAL C 139 -13.56 29.30 14.97
C VAL C 139 -12.98 30.41 14.10
N LYS C 140 -13.61 31.59 14.09
CA LYS C 140 -13.09 32.71 13.29
C LYS C 140 -11.62 32.98 13.64
N SER C 141 -11.30 33.04 14.94
CA SER C 141 -9.93 33.36 15.40
C SER C 141 -8.93 32.29 15.01
N TYR C 142 -9.34 31.04 15.20
CA TYR C 142 -8.52 29.88 14.84
C TYR C 142 -8.15 29.84 13.37
N MET C 143 -9.15 29.99 12.49
CA MET C 143 -8.96 29.83 11.05
C MET C 143 -8.14 31.01 10.52
N GLU C 144 -8.42 32.22 11.01
CA GLU C 144 -7.62 33.39 10.63
C GLU C 144 -6.16 33.21 11.02
N SER C 145 -5.91 32.61 12.19
CA SER C 145 -4.55 32.35 12.66
C SER C 145 -3.81 31.27 11.83
N ASN C 146 -4.54 30.25 11.43
CA ASN C 146 -4.01 29.30 10.46
C ASN C 146 -3.63 30.00 9.12
N ALA C 147 -4.43 30.97 8.68
CA ALA C 147 -4.17 31.64 7.42
C ALA C 147 -3.00 32.61 7.60
N GLN C 148 -2.96 33.31 8.74
CA GLN C 148 -1.84 34.20 9.04
C GLN C 148 -0.49 33.50 9.06
N LYS C 149 -0.44 32.32 9.68
CA LYS C 149 0.78 31.50 9.69
C LYS C 149 1.39 31.30 8.29
N ILE C 150 0.55 30.98 7.33
CA ILE C 150 0.99 30.76 5.95
C ILE C 150 1.52 32.05 5.36
N ILE C 151 0.76 33.15 5.48
CA ILE C 151 1.19 34.43 4.92
C ILE C 151 2.47 34.88 5.60
N GLU C 152 2.61 34.58 6.87
CA GLU C 152 3.83 34.96 7.61
C GLU C 152 5.00 34.08 7.17
N ASP C 153 4.75 32.79 6.96
CA ASP C 153 5.79 31.87 6.45
C ASP C 153 6.26 32.34 5.09
N ASP C 154 5.31 32.73 4.24
CA ASP C 154 5.64 33.32 2.93
C ASP C 154 6.57 34.54 3.01
N SER C 155 6.20 35.56 3.79
CA SER C 155 7.01 36.80 3.82
C SER C 155 8.44 36.58 4.32
N LYS C 156 8.63 35.63 5.23
CA LYS C 156 9.99 35.23 5.67
C LYS C 156 10.83 34.80 4.47
N CXM D 1 -14.55 -39.40 20.22
CA CXM D 1 -15.18 -38.31 19.39
CB CXM D 1 -16.70 -38.51 19.33
CG CXM D 1 -17.03 -39.97 19.04
SD CXM D 1 -18.77 -40.14 18.78
CE CXM D 1 -19.42 -39.80 20.38
C CXM D 1 -14.86 -36.91 19.87
O CXM D 1 -15.70 -35.99 19.78
CN CXM D 1 -14.61 -39.48 21.60
ON1 CXM D 1 -14.04 -40.43 22.23
ON2 CXM D 1 -15.22 -38.61 22.28
N ARG D 2 -13.63 -36.73 20.33
CA ARG D 2 -13.21 -35.44 20.81
C ARG D 2 -12.78 -34.59 19.61
N PRO D 3 -13.15 -33.30 19.64
CA PRO D 3 -12.75 -32.38 18.60
C PRO D 3 -11.24 -32.41 18.30
N LEU D 4 -10.88 -32.20 17.03
CA LEU D 4 -9.48 -32.04 16.65
C LEU D 4 -9.40 -30.94 15.63
N VAL D 5 -8.38 -30.10 15.77
CA VAL D 5 -8.02 -29.13 14.74
C VAL D 5 -6.63 -29.44 14.18
N ILE D 6 -6.58 -29.64 12.88
CA ILE D 6 -5.32 -29.85 12.18
C ILE D 6 -4.89 -28.49 11.64
N ILE D 7 -3.74 -27.97 12.12
CA ILE D 7 -3.23 -26.69 11.64
C ILE D 7 -2.13 -27.00 10.63
N LEU D 8 -2.44 -26.84 9.34
CA LEU D 8 -1.50 -27.22 8.25
C LEU D 8 -0.98 -25.96 7.58
N MET D 9 0.34 -25.83 7.54
CA MET D 9 0.99 -24.65 6.99
C MET D 9 1.93 -25.04 5.88
N GLY D 10 2.18 -24.07 4.99
CA GLY D 10 2.89 -24.33 3.74
C GLY D 10 4.39 -24.41 3.91
N SER D 11 4.91 -23.84 4.99
CA SER D 11 6.32 -23.73 5.20
C SER D 11 6.61 -23.58 6.69
N SER D 12 7.79 -24.02 7.07
CA SER D 12 8.27 -23.81 8.44
C SER D 12 8.33 -22.35 8.79
N SER D 13 8.42 -21.48 7.78
CA SER D 13 8.45 -20.03 8.01
C SER D 13 7.14 -19.46 8.56
N ASP D 14 6.06 -20.18 8.39
CA ASP D 14 4.75 -19.77 8.91
C ASP D 14 4.53 -20.17 10.39
N MET D 15 5.54 -20.79 11.02
CA MET D 15 5.35 -21.46 12.32
C MET D 15 4.84 -20.49 13.39
N GLY D 16 5.36 -19.25 13.42
CA GLY D 16 4.95 -18.30 14.44
C GLY D 16 3.45 -17.96 14.38
N HIS D 17 2.91 -17.87 13.17
CA HIS D 17 1.47 -17.64 12.95
C HIS D 17 0.65 -18.85 13.42
N ALA D 18 1.10 -20.03 13.04
CA ALA D 18 0.48 -21.26 13.50
C ALA D 18 0.43 -21.39 15.02
N GLU D 19 1.47 -20.95 15.71
CA GLU D 19 1.56 -21.08 17.19
C GLU D 19 0.53 -20.20 17.88
N LYS D 20 0.25 -19.04 17.29
CA LYS D 20 -0.74 -18.11 17.86
C LYS D 20 -2.11 -18.73 17.79
N ILE D 21 -2.36 -19.47 16.71
CA ILE D 21 -3.63 -20.16 16.54
C ILE D 21 -3.69 -21.35 17.52
N ALA D 22 -2.63 -22.13 17.60
CA ALA D 22 -2.56 -23.29 18.54
C ALA D 22 -2.76 -22.85 19.99
N SER D 23 -2.04 -21.82 20.38
CA SER D 23 -2.18 -21.25 21.72
C SER D 23 -3.62 -20.90 22.09
N GLU D 24 -4.34 -20.27 21.17
CA GLU D 24 -5.68 -19.86 21.46
C GLU D 24 -6.63 -21.06 21.52
N LEU D 25 -6.46 -22.04 20.64
CA LEU D 25 -7.25 -23.31 20.72
C LEU D 25 -7.07 -23.99 22.07
N LYS D 26 -5.84 -23.97 22.59
CA LYS D 26 -5.54 -24.52 23.89
C LYS D 26 -6.34 -23.86 25.00
N THR D 27 -6.56 -22.56 24.93
CA THR D 27 -7.38 -21.89 25.95
C THR D 27 -8.84 -22.38 25.90
N PHE D 28 -9.28 -22.89 24.76
CA PHE D 28 -10.64 -23.41 24.65
C PHE D 28 -10.68 -24.88 24.97
N GLY D 29 -9.53 -25.49 25.24
CA GLY D 29 -9.45 -26.90 25.53
C GLY D 29 -9.65 -27.81 24.32
N ILE D 30 -9.21 -27.36 23.15
CA ILE D 30 -9.38 -28.11 21.89
C ILE D 30 -8.02 -28.64 21.43
N GLU D 31 -7.92 -29.95 21.24
CA GLU D 31 -6.69 -30.59 20.80
C GLU D 31 -6.41 -30.16 19.36
N TYR D 32 -5.14 -29.95 19.05
CA TYR D 32 -4.71 -29.61 17.72
C TYR D 32 -3.52 -30.45 17.28
N ALA D 33 -3.26 -30.47 15.98
CA ALA D 33 -1.94 -30.92 15.53
C ALA D 33 -1.39 -29.89 14.56
N ILE D 34 -0.09 -29.69 14.58
CA ILE D 34 0.56 -28.72 13.68
C ILE D 34 1.38 -29.55 12.69
N ARG D 35 1.19 -29.31 11.40
CA ARG D 35 1.86 -30.01 10.31
C ARG D 35 2.32 -28.99 9.24
N ILE D 36 3.27 -29.43 8.43
CA ILE D 36 3.83 -28.68 7.34
C ILE D 36 3.71 -29.45 6.01
N GLY D 37 3.30 -28.74 4.96
CA GLY D 37 3.16 -29.33 3.62
C GLY D 37 2.79 -28.27 2.60
N SER D 38 3.48 -28.29 1.46
CA SER D 38 3.25 -27.34 0.39
C SER D 38 2.37 -27.92 -0.71
N ALA D 39 1.31 -27.20 -1.04
CA ALA D 39 0.50 -27.54 -2.21
C ALA D 39 1.25 -27.38 -3.55
N HIS D 40 2.29 -26.54 -3.59
CA HIS D 40 3.13 -26.42 -4.78
C HIS D 40 4.25 -27.47 -4.85
N LYS D 41 4.98 -27.63 -3.73
CA LYS D 41 6.22 -28.44 -3.70
C LYS D 41 6.07 -29.89 -3.18
N THR D 42 5.00 -30.16 -2.42
CA THR D 42 4.83 -31.48 -1.79
C THR D 42 3.38 -31.94 -1.80
N ALA D 43 2.78 -31.94 -3.00
CA ALA D 43 1.36 -32.22 -3.16
C ALA D 43 0.99 -33.60 -2.68
N GLU D 44 1.79 -34.59 -3.05
CA GLU D 44 1.48 -36.00 -2.69
C GLU D 44 1.63 -36.25 -1.18
N HIS D 45 2.60 -35.59 -0.58
CA HIS D 45 2.80 -35.63 0.87
C HIS D 45 1.57 -35.07 1.59
N VAL D 46 1.00 -33.97 1.08
CA VAL D 46 -0.23 -33.37 1.67
C VAL D 46 -1.40 -34.33 1.52
N VAL D 47 -1.59 -34.88 0.31
CA VAL D 47 -2.67 -35.83 0.07
C VAL D 47 -2.57 -37.03 1.02
N SER D 48 -1.36 -37.55 1.22
CA SER D 48 -1.16 -38.68 2.11
C SER D 48 -1.47 -38.34 3.56
N MET D 49 -1.11 -37.13 3.98
CA MET D 49 -1.37 -36.67 5.34
C MET D 49 -2.89 -36.47 5.55
N LEU D 50 -3.55 -35.85 4.57
CA LEU D 50 -5.00 -35.62 4.68
C LEU D 50 -5.78 -36.94 4.76
N LYS D 51 -5.41 -37.93 3.95
CA LYS D 51 -6.05 -39.25 4.03
C LYS D 51 -5.97 -39.86 5.42
N GLU D 52 -4.87 -39.62 6.15
CA GLU D 52 -4.69 -40.14 7.51
C GLU D 52 -5.65 -39.47 8.48
N TYR D 53 -5.72 -38.15 8.42
CA TYR D 53 -6.59 -37.36 9.29
C TYR D 53 -8.06 -37.60 9.00
N GLU D 54 -8.40 -37.72 7.73
CA GLU D 54 -9.78 -37.94 7.30
C GLU D 54 -10.41 -39.25 7.77
N ALA D 55 -9.56 -40.24 8.02
CA ALA D 55 -9.97 -41.55 8.46
C ALA D 55 -10.36 -41.60 9.95
N LEU D 56 -9.96 -40.60 10.73
CA LEU D 56 -10.30 -40.54 12.15
C LEU D 56 -11.82 -40.28 12.38
N ASP D 57 -12.42 -41.05 13.31
CA ASP D 57 -13.84 -40.91 13.69
C ASP D 57 -13.97 -39.91 14.83
N ARG D 58 -13.80 -38.63 14.50
CA ARG D 58 -13.92 -37.55 15.46
C ARG D 58 -14.17 -36.24 14.73
N PRO D 59 -14.93 -35.31 15.33
CA PRO D 59 -15.21 -34.05 14.64
C PRO D 59 -13.95 -33.26 14.45
N LYS D 60 -13.67 -32.92 13.21
CA LYS D 60 -12.43 -32.29 12.83
C LYS D 60 -12.56 -31.03 11.99
N LEU D 61 -11.61 -30.15 12.18
CA LEU D 61 -11.46 -28.98 11.29
C LEU D 61 -10.01 -28.84 10.86
N TYR D 62 -9.79 -28.24 9.70
CA TYR D 62 -8.44 -27.91 9.25
C TYR D 62 -8.34 -26.43 9.21
N ILE D 63 -7.30 -25.91 9.82
CA ILE D 63 -6.97 -24.50 9.64
C ILE D 63 -5.70 -24.44 8.78
N THR D 64 -5.81 -23.79 7.62
CA THR D 64 -4.78 -23.82 6.62
C THR D 64 -4.09 -22.47 6.48
N ILE D 65 -2.79 -22.53 6.50
CA ILE D 65 -1.92 -21.36 6.57
C ILE D 65 -0.91 -21.39 5.43
N ALA D 66 -1.01 -20.42 4.53
CA ALA D 66 -0.03 -20.26 3.43
C ALA D 66 0.08 -18.80 3.09
N GLY D 67 1.32 -18.28 3.07
CA GLY D 67 1.59 -16.91 2.65
C GLY D 67 1.56 -16.82 1.14
N ARG D 68 1.75 -15.61 0.62
CA ARG D 68 1.89 -15.39 -0.81
C ARG D 68 0.63 -15.90 -1.50
N SER D 69 0.74 -16.47 -2.69
CA SER D 69 -0.40 -17.05 -3.37
C SER D 69 -0.86 -18.34 -2.66
N ASN D 70 -1.97 -18.24 -1.93
CA ASN D 70 -2.47 -19.36 -1.13
C ASN D 70 -3.19 -20.42 -1.97
N ALA D 71 -2.44 -21.42 -2.41
CA ALA D 71 -2.98 -22.62 -3.09
C ALA D 71 -3.47 -23.63 -2.02
N LEU D 72 -2.85 -23.60 -0.86
CA LEU D 72 -3.05 -24.64 0.17
C LEU D 72 -4.48 -24.67 0.67
N SER D 73 -5.08 -23.51 0.98
CA SER D 73 -6.45 -23.53 1.55
C SER D 73 -7.45 -24.23 0.62
N GLY D 74 -7.44 -23.91 -0.67
CA GLY D 74 -8.34 -24.53 -1.60
C GLY D 74 -8.06 -26.00 -1.84
N PHE D 75 -6.77 -26.31 -1.98
CA PHE D 75 -6.27 -27.67 -2.14
C PHE D 75 -6.79 -28.60 -1.03
N VAL D 76 -6.56 -28.23 0.23
CA VAL D 76 -7.02 -29.03 1.38
C VAL D 76 -8.56 -29.06 1.40
N ASP D 77 -9.19 -27.90 1.20
CA ASP D 77 -10.64 -27.82 1.27
C ASP D 77 -11.35 -28.71 0.25
N GLY D 78 -10.83 -28.78 -0.97
CA GLY D 78 -11.39 -29.62 -1.99
C GLY D 78 -11.18 -31.11 -1.72
N PHE D 79 -10.19 -31.43 -0.88
CA PHE D 79 -9.86 -32.82 -0.61
C PHE D 79 -10.66 -33.41 0.56
N VAL D 80 -10.86 -32.63 1.64
CA VAL D 80 -11.49 -33.16 2.87
C VAL D 80 -13.00 -33.00 2.80
N LYS D 81 -13.74 -33.68 3.66
CA LYS D 81 -15.20 -33.69 3.63
C LYS D 81 -15.77 -32.55 4.45
N GLY D 82 -15.26 -32.36 5.67
CA GLY D 82 -15.83 -31.37 6.59
C GLY D 82 -15.28 -29.96 6.35
N ALA D 83 -15.76 -29.00 7.14
CA ALA D 83 -15.36 -27.59 6.98
C ALA D 83 -13.85 -27.35 7.21
N THR D 84 -13.35 -26.31 6.57
CA THR D 84 -12.03 -25.80 6.77
C THR D 84 -12.04 -24.27 6.95
N ILE D 85 -10.92 -23.78 7.50
CA ILE D 85 -10.74 -22.36 7.78
C ILE D 85 -9.42 -21.94 7.15
N ALA D 86 -9.45 -20.90 6.30
CA ALA D 86 -8.20 -20.29 5.82
C ALA D 86 -7.80 -19.13 6.77
N CYS D 87 -6.56 -19.15 7.24
CA CYS D 87 -6.00 -18.08 8.05
C CYS D 87 -4.57 -17.78 7.60
N PRO D 88 -4.45 -16.99 6.53
CA PRO D 88 -3.13 -16.73 6.00
C PRO D 88 -2.28 -15.83 6.91
N PRO D 89 -0.96 -15.95 6.85
CA PRO D 89 -0.15 -15.01 7.60
C PRO D 89 -0.27 -13.59 7.03
N PRO D 90 -0.08 -12.56 7.87
CA PRO D 90 -0.18 -11.17 7.39
C PRO D 90 0.94 -10.75 6.42
N SER D 91 0.60 -9.93 5.42
CA SER D 91 1.60 -9.40 4.51
C SER D 91 1.16 -8.04 4.03
N ASP D 92 2.12 -7.13 3.97
CA ASP D 92 1.87 -5.89 3.30
C ASP D 92 2.49 -5.81 1.89
N SER D 93 2.86 -6.92 1.32
CA SER D 93 3.35 -6.84 -0.05
C SER D 93 2.15 -6.51 -0.97
N PHE D 94 2.36 -5.60 -1.91
CA PHE D 94 1.31 -5.18 -2.83
C PHE D 94 0.03 -4.74 -2.04
N ALA D 95 0.26 -4.06 -0.94
CA ALA D 95 -0.83 -3.44 -0.14
C ALA D 95 -1.73 -4.55 0.37
N GLY D 96 -1.15 -5.71 0.66
CA GLY D 96 -1.97 -6.85 1.21
C GLY D 96 -2.67 -7.70 0.18
N ALA D 97 -2.41 -7.47 -1.12
CA ALA D 97 -3.16 -8.13 -2.16
C ALA D 97 -3.02 -9.67 -2.19
N ASP D 98 -2.09 -10.27 -1.40
CA ASP D 98 -2.12 -11.73 -1.25
C ASP D 98 -3.50 -12.27 -0.76
N ILE D 99 -4.26 -11.42 -0.07
CA ILE D 99 -5.57 -11.82 0.48
C ILE D 99 -6.54 -12.35 -0.57
N TYR D 100 -6.45 -11.83 -1.78
CA TYR D 100 -7.36 -12.25 -2.86
C TYR D 100 -7.18 -13.70 -3.23
N SER D 101 -5.97 -14.22 -3.09
CA SER D 101 -5.75 -15.65 -3.32
C SER D 101 -6.45 -16.58 -2.29
N SER D 102 -6.80 -16.06 -1.10
CA SER D 102 -7.63 -16.81 -0.15
C SER D 102 -9.10 -16.56 -0.38
N LEU D 103 -9.47 -15.44 -0.96
CA LEU D 103 -10.90 -15.08 -1.08
C LEU D 103 -11.51 -15.76 -2.32
N ARG D 104 -10.76 -15.83 -3.43
CA ARG D 104 -11.41 -16.06 -4.73
C ARG D 104 -11.41 -17.54 -5.12
N MET D 105 -12.34 -18.28 -4.54
CA MET D 105 -12.51 -19.71 -4.77
C MET D 105 -13.43 -20.02 -5.91
N PRO D 106 -13.16 -21.15 -6.59
CA PRO D 106 -14.09 -21.62 -7.59
C PRO D 106 -15.37 -22.15 -6.92
N SER D 107 -16.35 -22.50 -7.74
CA SER D 107 -17.56 -23.16 -7.21
C SER D 107 -17.19 -24.47 -6.51
N GLY D 108 -17.83 -24.76 -5.39
CA GLY D 108 -17.65 -26.03 -4.69
C GLY D 108 -16.50 -26.08 -3.72
N ILE D 109 -15.86 -24.94 -3.44
CA ILE D 109 -14.69 -24.86 -2.55
C ILE D 109 -15.03 -23.73 -1.57
N SER D 110 -15.10 -24.05 -0.29
CA SER D 110 -15.72 -23.17 0.66
C SER D 110 -14.93 -23.02 1.95
N PRO D 111 -13.62 -22.76 1.89
CA PRO D 111 -12.94 -22.51 3.19
C PRO D 111 -13.40 -21.20 3.82
N ALA D 112 -13.56 -21.18 5.15
CA ALA D 112 -13.94 -20.00 5.91
C ALA D 112 -12.71 -19.09 5.98
N LEU D 113 -12.77 -17.87 5.48
CA LEU D 113 -11.59 -16.98 5.62
C LEU D 113 -11.72 -16.10 6.88
N VAL D 114 -10.71 -16.14 7.74
CA VAL D 114 -10.61 -15.27 8.97
C VAL D 114 -9.20 -14.72 8.97
N LEU D 115 -9.05 -13.42 9.17
CA LEU D 115 -7.71 -12.79 9.18
C LEU D 115 -6.91 -13.04 10.46
N GLU D 116 -7.48 -12.80 11.62
CA GLU D 116 -6.67 -12.84 12.86
C GLU D 116 -6.55 -14.27 13.38
N PRO D 117 -5.33 -14.67 13.85
CA PRO D 117 -5.16 -16.03 14.28
C PRO D 117 -6.04 -16.38 15.47
N LYS D 118 -6.18 -15.47 16.42
CA LYS D 118 -7.08 -15.69 17.57
C LYS D 118 -8.54 -15.82 17.15
N ASN D 119 -8.95 -15.05 16.13
CA ASN D 119 -10.29 -15.14 15.60
C ASN D 119 -10.51 -16.45 14.83
N ALA D 120 -9.49 -16.97 14.14
CA ALA D 120 -9.60 -18.28 13.48
C ALA D 120 -9.80 -19.41 14.51
N ALA D 121 -9.07 -19.34 15.61
CA ALA D 121 -9.27 -20.27 16.74
C ALA D 121 -10.70 -20.15 17.36
N LEU D 122 -11.15 -18.92 17.58
CA LEU D 122 -12.54 -18.67 18.04
C LEU D 122 -13.60 -19.21 17.09
N LEU D 123 -13.47 -18.94 15.77
CA LEU D 123 -14.39 -19.58 14.82
C LEU D 123 -14.36 -21.12 14.93
N ALA D 124 -13.18 -21.71 14.98
CA ALA D 124 -13.09 -23.17 15.21
C ALA D 124 -13.90 -23.59 16.45
N ALA D 125 -13.64 -22.95 17.60
CA ALA D 125 -14.36 -23.31 18.83
C ALA D 125 -15.89 -23.19 18.64
N ARG D 126 -16.33 -22.13 17.95
CA ARG D 126 -17.75 -21.88 17.82
C ARG D 126 -18.47 -22.81 16.82
N ILE D 127 -17.72 -23.32 15.86
CA ILE D 127 -18.20 -24.41 15.00
C ILE D 127 -18.49 -25.66 15.83
N PHE D 128 -17.56 -26.08 16.70
CA PHE D 128 -17.81 -27.26 17.55
C PHE D 128 -18.95 -27.00 18.55
N SER D 129 -19.04 -25.75 19.00
CA SER D 129 -19.99 -25.35 20.05
C SER D 129 -21.44 -25.54 19.70
N LEU D 130 -21.76 -25.72 18.42
CA LEU D 130 -23.14 -25.97 17.99
C LEU D 130 -23.68 -27.29 18.56
N TYR D 131 -22.74 -28.21 18.75
CA TYR D 131 -23.00 -29.55 19.26
C TYR D 131 -22.28 -29.88 20.58
N ASP D 132 -21.12 -29.26 20.81
CA ASP D 132 -20.34 -29.52 22.03
C ASP D 132 -20.61 -28.44 23.09
N LYS D 133 -21.38 -28.78 24.13
CA LYS D 133 -21.76 -27.87 25.23
C LYS D 133 -20.61 -27.31 26.08
N GLU D 134 -19.59 -28.12 26.31
CA GLU D 134 -18.46 -27.66 27.11
C GLU D 134 -17.69 -26.58 26.41
N ILE D 135 -17.50 -26.75 25.11
CA ILE D 135 -16.82 -25.72 24.31
C ILE D 135 -17.69 -24.46 24.27
N ALA D 136 -19.01 -24.61 24.19
CA ALA D 136 -19.94 -23.46 24.21
C ALA D 136 -19.85 -22.63 25.51
N ASP D 137 -19.69 -23.32 26.64
CA ASP D 137 -19.52 -22.65 27.94
C ASP D 137 -18.22 -21.86 27.93
N SER D 138 -17.20 -22.43 27.30
CA SER D 138 -15.88 -21.81 27.27
C SER D 138 -15.86 -20.58 26.35
N VAL D 139 -16.56 -20.69 25.21
CA VAL D 139 -16.80 -19.56 24.31
C VAL D 139 -17.62 -18.43 24.99
N LYS D 140 -18.69 -18.74 25.74
CA LYS D 140 -19.46 -17.68 26.44
C LYS D 140 -18.57 -16.97 27.47
N SER D 141 -17.80 -17.75 28.21
CA SER D 141 -16.87 -17.19 29.16
C SER D 141 -15.91 -16.19 28.49
N TYR D 142 -15.36 -16.63 27.36
CA TYR D 142 -14.36 -15.87 26.59
C TYR D 142 -14.94 -14.56 26.03
N MET D 143 -16.09 -14.68 25.36
CA MET D 143 -16.74 -13.53 24.71
C MET D 143 -17.36 -12.57 25.72
N GLU D 144 -17.90 -13.12 26.81
CA GLU D 144 -18.43 -12.30 27.92
C GLU D 144 -17.34 -11.45 28.53
N SER D 145 -16.16 -12.06 28.70
CA SER D 145 -14.99 -11.39 29.22
C SER D 145 -14.44 -10.29 28.31
N ASN D 146 -14.43 -10.54 27.01
CA ASN D 146 -14.12 -9.49 26.06
C ASN D 146 -15.07 -8.29 26.22
N ALA D 147 -16.37 -8.58 26.37
CA ALA D 147 -17.37 -7.54 26.49
C ALA D 147 -17.20 -6.83 27.83
N GLN D 148 -16.96 -7.57 28.90
CA GLN D 148 -16.76 -6.95 30.23
C GLN D 148 -15.54 -6.02 30.31
N LYS D 149 -14.44 -6.40 29.66
CA LYS D 149 -13.28 -5.50 29.57
C LYS D 149 -13.71 -4.14 29.01
N ILE D 150 -14.51 -4.17 27.93
CA ILE D 150 -14.95 -2.93 27.30
C ILE D 150 -15.80 -2.08 28.24
N ILE D 151 -16.81 -2.68 28.85
CA ILE D 151 -17.74 -1.98 29.74
C ILE D 151 -16.93 -1.41 30.90
N GLU D 152 -15.97 -2.22 31.34
CA GLU D 152 -15.08 -1.91 32.45
C GLU D 152 -14.11 -0.77 32.08
N ASP D 153 -13.55 -0.82 30.87
CA ASP D 153 -12.77 0.32 30.36
C ASP D 153 -13.59 1.63 30.33
N ASP D 154 -14.80 1.58 29.78
CA ASP D 154 -15.69 2.76 29.76
C ASP D 154 -15.93 3.34 31.15
N SER D 155 -16.36 2.48 32.07
CA SER D 155 -16.78 2.97 33.38
C SER D 155 -15.57 3.47 34.18
N LYS D 156 -14.38 2.96 33.88
CA LYS D 156 -13.12 3.50 34.43
C LYS D 156 -12.76 4.80 33.73
N1 AIR E . 15.13 2.49 -15.31
C2 AIR E . 16.25 2.86 -16.03
N3 AIR E . 15.90 3.20 -17.31
C4 AIR E . 14.55 3.06 -17.41
C5 AIR E . 14.11 2.60 -16.16
N6 AIR E . 12.81 2.31 -15.83
C1' AIR E . 15.04 2.02 -13.93
C2' AIR E . 16.33 1.43 -13.41
C3' AIR E . 16.20 1.63 -11.89
C4' AIR E . 15.32 2.86 -11.78
O4' AIR E . 14.67 3.10 -13.03
O2' AIR E . 16.44 0.08 -13.77
O3' AIR E . 15.66 0.43 -11.27
C5' AIR E . 16.15 4.11 -11.54
O5' AIR E . 17.10 4.26 -12.63
P AIR E . 18.25 5.41 -12.48
O6 AIR E . 17.46 6.62 -12.00
O7 AIR E . 18.81 5.52 -13.89
O8 AIR E . 19.20 4.79 -11.48
N1 AIR F . -2.23 21.63 1.20
C2 AIR F . -2.36 22.92 1.61
N3 AIR F . -3.53 23.45 1.12
C4 AIR F . -4.17 22.50 0.40
C5 AIR F . -3.32 21.40 0.46
N6 AIR F . -3.55 20.20 -0.13
C1' AIR F . -1.17 20.63 1.47
C2' AIR F . 0.18 21.23 1.77
C3' AIR F . 0.83 20.14 2.62
C4' AIR F . -0.36 19.43 3.29
O4' AIR F . -1.56 19.78 2.56
O2' AIR F . 0.89 21.53 0.56
O3' AIR F . 1.59 19.26 1.79
C5' AIR F . -0.51 19.83 4.75
O5' AIR F . -0.60 21.27 4.81
P AIR F . -0.54 22.05 6.24
O6 AIR F . -1.48 21.26 7.10
O7 AIR F . -1.08 23.39 5.80
O8 AIR F . 0.94 21.95 6.58
N1 AIR G . -13.67 -2.04 16.70
C2 AIR G . -14.25 -2.36 17.90
N3 AIR G . -15.48 -2.94 17.69
C4 AIR G . -15.68 -2.97 16.32
C5 AIR G . -14.53 -2.39 15.76
N6 AIR G . -14.29 -2.23 14.41
C1' AIR G . -12.36 -1.43 16.40
C2' AIR G . -11.81 -0.62 17.56
C3' AIR G . -10.30 -0.79 17.37
C4' AIR G . -10.13 -2.10 16.57
O4' AIR G . -11.42 -2.45 16.04
O2' AIR G . -12.25 0.74 17.49
O3' AIR G . -9.82 0.35 16.70
C5' AIR G . -9.65 -3.24 17.46
O5' AIR G . -10.52 -3.35 18.59
P AIR G . -10.11 -4.31 19.86
O6 AIR G . -9.66 -5.59 19.19
O7 AIR G . -11.42 -4.49 20.61
O8 AIR G . -9.04 -3.44 20.54
N1 AIR H . 3.58 -21.29 0.08
C2 AIR H . 4.15 -22.51 0.08
N3 AIR H . 3.79 -23.21 -1.04
C4 AIR H . 2.97 -22.40 -1.76
C5 AIR H . 2.89 -21.21 -1.04
N6 AIR H . 2.14 -20.13 -1.44
C1' AIR H . 3.75 -20.18 1.05
C2' AIR H . 4.25 -20.59 2.42
C3' AIR H . 4.99 -19.34 2.89
C4' AIR H . 5.46 -18.68 1.59
O4' AIR H . 4.71 -19.25 0.53
O2' AIR H . 3.20 -20.92 3.30
O3' AIR H . 4.09 -18.55 3.65
C5' AIR H . 6.94 -19.01 1.31
O5' AIR H . 7.17 -20.44 1.18
P AIR H . 8.70 -21.06 1.24
O6 AIR H . 9.47 -20.32 0.16
O7 AIR H . 8.48 -22.52 0.86
O8 AIR H . 9.15 -20.76 2.67
#